data_3GEY
#
_entry.id   3GEY
#
_cell.length_a   45.080
_cell.length_b   137.630
_cell.length_c   68.050
_cell.angle_alpha   90.00
_cell.angle_beta   90.37
_cell.angle_gamma   90.00
#
_symmetry.space_group_name_H-M   'P 1 21 1'
#
loop_
_entity.id
_entity.type
_entity.pdbx_description
1 polymer 'Poly [ADP-ribose] polymerase 15'
2 non-polymer N~2~,N~2~-DIMETHYL-N~1~-(6-OXO-5,6-DIHYDROPHENANTHRIDIN-2-YL)GLYCINAMIDE
3 water water
#
_entity_poly.entity_id   1
_entity_poly.type   'polypeptide(L)'
_entity_poly.pdbx_seq_one_letter_code
;MHHHHHHSSGVDLGTENLYFQSMNLPEHWTDMNHQLFCMVQLEPGQSEYNTIKDKFTRTCSSYAIEKIERIQNAFLWQSY
QVKKRQMDIKNDHKNNERLLFHGTDADSVPYVNQHGFNRSCAGKNAVSYGKGTYFAVDASYSAKDTYSKPDSNGRKHMYV
VRVLTGVFTKGRAGLVTPPPKNPHNPTDLFDSVTNNTRSPKLFVVFFDNQAYPEYLITFTA
;
_entity_poly.pdbx_strand_id   A,B,C,D
#
# COMPACT_ATOMS: atom_id res chain seq x y z
N LEU A 25 -40.69 1.82 -12.44
CA LEU A 25 -41.27 3.15 -12.47
C LEU A 25 -42.70 3.12 -11.93
N PRO A 26 -43.10 4.20 -11.23
CA PRO A 26 -44.45 4.30 -10.67
C PRO A 26 -45.53 4.07 -11.73
N GLU A 27 -46.58 3.37 -11.35
CA GLU A 27 -47.65 3.01 -12.29
C GLU A 27 -48.51 4.21 -12.67
N HIS A 28 -48.63 5.16 -11.74
CA HIS A 28 -49.47 6.33 -11.94
C HIS A 28 -48.80 7.37 -12.83
N TRP A 29 -47.55 7.12 -13.21
CA TRP A 29 -46.88 7.95 -14.20
C TRP A 29 -47.54 7.71 -15.55
N THR A 30 -47.44 8.68 -16.45
CA THR A 30 -47.97 8.52 -17.80
C THR A 30 -46.88 7.99 -18.73
N ASP A 31 -47.28 7.47 -19.88
CA ASP A 31 -46.33 6.87 -20.82
C ASP A 31 -45.37 7.95 -21.31
N MET A 32 -44.08 7.66 -21.31
CA MET A 32 -43.08 8.63 -21.72
C MET A 32 -42.47 8.32 -23.09
N ASN A 33 -43.09 7.42 -23.85
CA ASN A 33 -42.61 7.06 -25.19
C ASN A 33 -41.14 6.73 -25.24
N HIS A 34 -40.68 5.96 -24.25
CA HIS A 34 -39.29 5.54 -24.14
C HIS A 34 -38.33 6.71 -23.87
N GLN A 35 -38.87 7.79 -23.32
CA GLN A 35 -38.07 8.91 -22.85
C GLN A 35 -37.77 8.71 -21.38
N LEU A 36 -36.79 9.43 -20.86
CA LEU A 36 -36.34 9.23 -19.48
C LEU A 36 -36.78 10.38 -18.58
N PHE A 37 -37.29 11.44 -19.18
CA PHE A 37 -37.76 12.61 -18.44
C PHE A 37 -38.91 13.32 -19.15
N CYS A 38 -39.90 13.74 -18.37
CA CYS A 38 -40.98 14.57 -18.90
C CYS A 38 -41.78 15.22 -17.78
N MET A 39 -42.32 16.41 -18.06
CA MET A 39 -43.19 17.10 -17.12
C MET A 39 -44.64 16.89 -17.54
N VAL A 40 -45.44 16.32 -16.62
CA VAL A 40 -46.82 15.97 -16.90
C VAL A 40 -47.77 16.88 -16.14
N GLN A 41 -48.33 17.86 -16.83
CA GLN A 41 -49.26 18.79 -16.22
C GLN A 41 -50.53 18.09 -15.73
N LEU A 42 -50.90 18.36 -14.47
CA LEU A 42 -52.04 17.68 -13.85
C LEU A 42 -53.37 18.33 -14.23
N GLU A 43 -54.44 17.54 -14.10
CA GLU A 43 -55.79 17.99 -14.39
C GLU A 43 -56.50 18.34 -13.08
N PRO A 44 -56.95 19.61 -12.97
CA PRO A 44 -57.64 20.06 -11.76
C PRO A 44 -58.99 19.36 -11.58
N GLY A 45 -59.37 19.08 -10.34
CA GLY A 45 -60.59 18.35 -10.08
C GLY A 45 -60.33 16.87 -9.87
N GLN A 46 -59.15 16.42 -10.31
CA GLN A 46 -58.77 15.02 -10.14
C GLN A 46 -58.03 14.82 -8.82
N SER A 47 -58.15 13.62 -8.25
CA SER A 47 -57.62 13.34 -6.91
C SER A 47 -56.16 13.74 -6.76
N GLU A 48 -55.36 13.46 -7.78
CA GLU A 48 -53.92 13.73 -7.73
C GLU A 48 -53.64 15.23 -7.61
N TYR A 49 -54.30 16.00 -8.45
CA TYR A 49 -54.15 17.45 -8.45
C TYR A 49 -54.61 18.04 -7.11
N ASN A 50 -55.75 17.55 -6.64
CA ASN A 50 -56.37 18.08 -5.42
C ASN A 50 -55.61 17.74 -4.16
N THR A 51 -55.06 16.52 -4.11
CA THR A 51 -54.28 16.10 -2.96
C THR A 51 -53.09 17.04 -2.74
N ILE A 52 -52.42 17.37 -3.84
CA ILE A 52 -51.27 18.27 -3.79
C ILE A 52 -51.72 19.70 -3.48
N LYS A 53 -52.86 20.09 -4.05
CA LYS A 53 -53.42 21.41 -3.80
C LYS A 53 -53.76 21.57 -2.32
N ASP A 54 -54.27 20.49 -1.73
CA ASP A 54 -54.69 20.50 -0.33
C ASP A 54 -53.50 20.66 0.62
N LYS A 55 -52.39 20.04 0.28
CA LYS A 55 -51.19 20.12 1.11
C LYS A 55 -50.55 21.49 1.04
N PHE A 56 -50.80 22.17 -0.07
CA PHE A 56 -50.27 23.52 -0.31
C PHE A 56 -51.13 24.58 0.37
N THR A 57 -52.43 24.55 0.11
CA THR A 57 -53.36 25.52 0.66
C THR A 57 -53.47 25.40 2.19
N ARG A 58 -53.13 24.22 2.69
CA ARG A 58 -53.15 23.97 4.14
C ARG A 58 -52.45 25.09 4.90
N THR A 59 -51.49 25.72 4.25
CA THR A 59 -50.77 26.85 4.85
C THR A 59 -50.62 28.00 3.85
N CYS A 60 -51.05 27.77 2.62
CA CYS A 60 -50.97 28.78 1.56
C CYS A 60 -52.31 29.02 0.87
N SER A 61 -53.38 29.14 1.66
CA SER A 61 -54.71 29.33 1.11
C SER A 61 -54.90 30.67 0.41
N SER A 62 -53.96 31.59 0.62
CA SER A 62 -54.05 32.95 0.08
C SER A 62 -53.43 33.08 -1.31
N TYR A 63 -52.69 32.05 -1.72
CA TYR A 63 -52.07 32.03 -3.05
C TYR A 63 -52.93 31.28 -4.05
N ALA A 64 -52.76 31.60 -5.33
CA ALA A 64 -53.54 30.98 -6.39
C ALA A 64 -52.69 30.05 -7.26
N ILE A 65 -52.99 28.76 -7.21
CA ILE A 65 -52.26 27.77 -7.99
C ILE A 65 -52.56 27.88 -9.49
N GLU A 66 -51.52 28.19 -10.28
CA GLU A 66 -51.66 28.31 -11.72
C GLU A 66 -51.62 26.95 -12.39
N LYS A 67 -50.77 26.06 -11.90
CA LYS A 67 -50.73 24.68 -12.38
C LYS A 67 -49.85 23.78 -11.50
N ILE A 68 -50.08 22.47 -11.62
CA ILE A 68 -49.29 21.47 -10.90
C ILE A 68 -48.79 20.42 -11.89
N GLU A 69 -47.47 20.21 -11.89
CA GLU A 69 -46.85 19.28 -12.85
C GLU A 69 -46.16 18.12 -12.14
N ARG A 70 -46.49 16.90 -12.55
CA ARG A 70 -45.81 15.73 -12.05
C ARG A 70 -44.48 15.55 -12.76
N ILE A 71 -43.39 15.55 -11.98
CA ILE A 71 -42.07 15.37 -12.54
C ILE A 71 -41.76 13.89 -12.68
N GLN A 72 -41.59 13.46 -13.92
CA GLN A 72 -41.27 12.06 -14.21
C GLN A 72 -39.83 11.92 -14.68
N ASN A 73 -38.92 11.76 -13.72
CA ASN A 73 -37.50 11.61 -14.00
C ASN A 73 -37.02 10.19 -13.67
N ALA A 74 -37.01 9.33 -14.68
CA ALA A 74 -36.62 7.93 -14.50
C ALA A 74 -35.27 7.78 -13.78
N PHE A 75 -34.32 8.64 -14.12
CA PHE A 75 -32.96 8.55 -13.59
C PHE A 75 -32.86 8.98 -12.12
N LEU A 76 -33.41 10.15 -11.80
CA LEU A 76 -33.45 10.63 -10.43
C LEU A 76 -34.21 9.65 -9.54
N TRP A 77 -35.31 9.14 -10.07
CA TRP A 77 -36.16 8.22 -9.34
C TRP A 77 -35.38 6.95 -9.00
N GLN A 78 -34.66 6.42 -9.97
CA GLN A 78 -33.87 5.20 -9.78
C GLN A 78 -32.87 5.36 -8.65
N SER A 79 -32.08 6.43 -8.70
CA SER A 79 -31.06 6.69 -7.69
C SER A 79 -31.66 6.92 -6.30
N TYR A 80 -32.80 7.61 -6.27
CA TYR A 80 -33.52 7.90 -5.03
C TYR A 80 -34.08 6.63 -4.38
N GLN A 81 -34.67 5.75 -5.19
CA GLN A 81 -35.26 4.53 -4.67
C GLN A 81 -34.18 3.57 -4.16
N VAL A 82 -33.08 3.50 -4.89
CA VAL A 82 -31.90 2.79 -4.44
C VAL A 82 -31.48 3.31 -3.07
N LYS A 83 -31.48 4.63 -2.93
CA LYS A 83 -31.12 5.28 -1.68
C LYS A 83 -32.12 4.95 -0.58
N LYS A 84 -33.39 4.87 -0.95
CA LYS A 84 -34.47 4.62 0.01
C LYS A 84 -34.40 3.21 0.60
N ARG A 85 -34.18 2.23 -0.26
CA ARG A 85 -34.08 0.84 0.19
C ARG A 85 -32.85 0.64 1.07
N GLN A 86 -31.79 1.36 0.77
CA GLN A 86 -30.58 1.29 1.58
C GLN A 86 -30.84 1.85 2.96
N MET A 87 -31.66 2.89 3.04
CA MET A 87 -31.98 3.56 4.31
C MET A 87 -32.95 2.74 5.15
N ASP A 88 -33.94 2.13 4.50
CA ASP A 88 -34.86 1.24 5.18
C ASP A 88 -34.10 0.07 5.78
N ILE A 89 -33.11 -0.41 5.04
CA ILE A 89 -32.31 -1.57 5.45
C ILE A 89 -31.34 -1.22 6.58
N LYS A 90 -30.84 0.01 6.53
CA LYS A 90 -29.81 0.45 7.45
C LYS A 90 -30.39 0.92 8.80
N ASN A 91 -31.69 1.18 8.83
CA ASN A 91 -32.36 1.59 10.06
C ASN A 91 -33.32 0.51 10.57
N ASN A 95 -39.95 4.14 8.21
CA ASN A 95 -40.29 5.56 8.20
C ASN A 95 -39.10 6.48 7.97
N ASN A 96 -38.61 6.52 6.74
CA ASN A 96 -37.47 7.36 6.39
C ASN A 96 -37.84 8.50 5.46
N GLU A 97 -39.01 8.41 4.82
CA GLU A 97 -39.45 9.35 3.80
C GLU A 97 -40.45 10.38 4.34
N ARG A 98 -40.24 11.65 3.98
CA ARG A 98 -41.16 12.73 4.30
C ARG A 98 -41.51 13.51 3.04
N LEU A 99 -42.74 13.99 2.97
CA LEU A 99 -43.15 14.86 1.87
C LEU A 99 -42.94 16.31 2.31
N LEU A 100 -41.96 16.98 1.72
CA LEU A 100 -41.62 18.33 2.13
C LEU A 100 -41.74 19.32 0.97
N PHE A 101 -41.42 20.60 1.23
CA PHE A 101 -41.54 21.64 0.20
C PHE A 101 -40.22 22.33 -0.11
N HIS A 102 -40.06 22.74 -1.37
CA HIS A 102 -38.89 23.53 -1.74
C HIS A 102 -39.21 24.61 -2.77
N GLY A 103 -39.17 25.87 -2.33
CA GLY A 103 -39.35 27.00 -3.23
C GLY A 103 -38.05 27.48 -3.83
N THR A 104 -38.02 27.67 -5.14
CA THR A 104 -36.83 28.15 -5.83
C THR A 104 -37.18 29.20 -6.86
N ASP A 105 -36.17 29.92 -7.34
CA ASP A 105 -36.37 30.89 -8.41
C ASP A 105 -36.70 30.18 -9.71
N ALA A 106 -37.11 30.94 -10.73
CA ALA A 106 -37.48 30.37 -12.01
C ALA A 106 -36.28 29.74 -12.73
N ASP A 107 -35.12 30.34 -12.56
CA ASP A 107 -33.93 29.94 -13.29
C ASP A 107 -33.38 28.57 -12.85
N SER A 108 -33.70 28.17 -11.62
CA SER A 108 -33.21 26.91 -11.08
C SER A 108 -34.14 25.75 -11.41
N VAL A 109 -35.33 26.08 -11.91
CA VAL A 109 -36.35 25.08 -12.20
C VAL A 109 -35.92 24.03 -13.24
N PRO A 110 -35.36 24.47 -14.37
CA PRO A 110 -34.93 23.50 -15.39
C PRO A 110 -33.90 22.51 -14.84
N TYR A 111 -32.91 23.02 -14.10
CA TYR A 111 -31.90 22.16 -13.52
C TYR A 111 -32.50 21.16 -12.53
N VAL A 112 -33.35 21.67 -11.65
CA VAL A 112 -33.97 20.81 -10.63
C VAL A 112 -34.82 19.70 -11.23
N ASN A 113 -35.60 20.03 -12.26
CA ASN A 113 -36.38 19.05 -12.99
C ASN A 113 -35.50 17.89 -13.48
N GLN A 114 -34.35 18.25 -14.05
CA GLN A 114 -33.43 17.27 -14.62
C GLN A 114 -32.56 16.59 -13.58
N HIS A 115 -31.92 17.38 -12.73
CA HIS A 115 -30.83 16.89 -11.90
C HIS A 115 -31.13 16.86 -10.40
N GLY A 116 -32.22 17.49 -10.01
CA GLY A 116 -32.61 17.51 -8.61
C GLY A 116 -31.94 18.61 -7.82
N PHE A 117 -31.79 18.38 -6.52
CA PHE A 117 -31.27 19.40 -5.60
C PHE A 117 -29.78 19.23 -5.30
N ASN A 118 -29.03 20.31 -5.52
CA ASN A 118 -27.59 20.32 -5.34
C ASN A 118 -27.19 21.23 -4.18
N ARG A 119 -26.50 20.66 -3.21
CA ARG A 119 -26.03 21.41 -2.05
C ARG A 119 -24.93 22.42 -2.42
N SER A 120 -24.22 22.13 -3.50
CA SER A 120 -23.13 22.98 -3.96
C SER A 120 -23.62 24.28 -4.58
N CYS A 121 -24.86 24.26 -5.07
CA CYS A 121 -25.51 25.46 -5.59
C CYS A 121 -26.14 26.25 -4.46
N SER A 128 -29.19 29.00 9.38
CA SER A 128 -28.39 27.95 8.78
C SER A 128 -28.11 26.81 9.75
N TYR A 129 -28.58 25.62 9.39
CA TYR A 129 -28.38 24.42 10.19
C TYR A 129 -27.54 23.43 9.39
N GLY A 130 -26.68 23.96 8.52
CA GLY A 130 -25.81 23.14 7.70
C GLY A 130 -25.81 23.52 6.23
N LYS A 131 -24.78 23.09 5.52
CA LYS A 131 -24.63 23.40 4.10
C LYS A 131 -25.13 22.25 3.22
N GLY A 132 -26.45 22.08 3.18
CA GLY A 132 -27.08 21.10 2.32
C GLY A 132 -28.26 21.75 1.65
N THR A 133 -29.19 20.95 1.13
CA THR A 133 -30.41 21.48 0.56
C THR A 133 -31.51 21.53 1.63
N TYR A 134 -32.32 22.59 1.60
CA TYR A 134 -33.33 22.81 2.64
C TYR A 134 -34.75 22.50 2.16
N PHE A 135 -35.56 21.93 3.04
CA PHE A 135 -36.94 21.57 2.71
C PHE A 135 -37.85 21.85 3.88
N ALA A 136 -38.98 22.51 3.60
CA ALA A 136 -39.89 22.93 4.65
C ALA A 136 -41.04 21.95 4.86
N VAL A 137 -41.50 21.87 6.10
CA VAL A 137 -42.69 21.10 6.43
C VAL A 137 -43.91 21.79 5.86
N ASP A 138 -43.99 23.11 6.07
CA ASP A 138 -45.13 23.91 5.61
C ASP A 138 -44.85 24.64 4.30
N ALA A 139 -45.81 24.61 3.39
CA ALA A 139 -45.68 25.26 2.10
C ALA A 139 -45.54 26.76 2.29
N SER A 140 -46.08 27.26 3.41
CA SER A 140 -46.02 28.67 3.75
C SER A 140 -44.58 29.18 3.84
N TYR A 141 -43.69 28.32 4.32
CA TYR A 141 -42.29 28.69 4.51
C TYR A 141 -41.53 28.80 3.19
N SER A 142 -41.87 27.93 2.24
CA SER A 142 -41.22 27.93 0.93
C SER A 142 -41.86 28.98 0.03
N ALA A 143 -42.95 29.57 0.50
CA ALA A 143 -43.71 30.55 -0.30
C ALA A 143 -43.10 31.95 -0.21
N LYS A 144 -42.16 32.12 0.71
CA LYS A 144 -41.47 33.40 0.86
C LYS A 144 -40.73 33.77 -0.42
N ASP A 145 -40.84 35.04 -0.81
CA ASP A 145 -40.16 35.53 -2.01
C ASP A 145 -38.66 35.20 -1.99
N THR A 146 -38.08 35.16 -0.80
CA THR A 146 -36.67 34.85 -0.64
C THR A 146 -36.35 33.46 -1.19
N TYR A 147 -37.35 32.58 -1.18
CA TYR A 147 -37.18 31.22 -1.67
C TYR A 147 -37.80 31.05 -3.05
N SER A 148 -39.13 31.07 -3.11
CA SER A 148 -39.84 31.01 -4.40
C SER A 148 -39.89 32.40 -5.03
N LYS A 149 -38.71 32.93 -5.32
CA LYS A 149 -38.56 34.24 -5.94
C LYS A 149 -39.40 34.39 -7.21
N PRO A 150 -40.33 35.36 -7.22
CA PRO A 150 -41.23 35.59 -8.37
C PRO A 150 -40.45 35.99 -9.63
N ASP A 151 -40.81 35.41 -10.77
CA ASP A 151 -40.20 35.79 -12.03
C ASP A 151 -40.85 37.06 -12.55
N SER A 152 -40.34 37.58 -13.66
CA SER A 152 -40.80 38.83 -14.23
C SER A 152 -42.32 38.87 -14.43
N ASN A 153 -42.92 37.68 -14.56
CA ASN A 153 -44.36 37.56 -14.77
C ASN A 153 -45.16 37.42 -13.47
N GLY A 154 -44.45 37.31 -12.35
CA GLY A 154 -45.08 37.23 -11.04
C GLY A 154 -45.27 35.80 -10.55
N ARG A 155 -44.85 34.83 -11.35
CA ARG A 155 -44.99 33.43 -10.99
C ARG A 155 -43.98 33.01 -9.92
N LYS A 156 -44.46 32.20 -8.96
CA LYS A 156 -43.61 31.61 -7.93
C LYS A 156 -43.56 30.09 -8.08
N HIS A 157 -42.43 29.51 -7.71
CA HIS A 157 -42.22 28.08 -7.92
C HIS A 157 -41.80 27.35 -6.66
N MET A 158 -42.50 26.27 -6.33
CA MET A 158 -42.06 25.40 -5.28
C MET A 158 -42.33 23.94 -5.63
N TYR A 159 -41.42 23.08 -5.18
CA TYR A 159 -41.52 21.65 -5.44
C TYR A 159 -42.17 20.92 -4.27
N VAL A 160 -42.93 19.88 -4.59
CA VAL A 160 -43.39 18.93 -3.59
C VAL A 160 -42.44 17.75 -3.62
N VAL A 161 -41.68 17.55 -2.54
CA VAL A 161 -40.51 16.69 -2.58
C VAL A 161 -40.56 15.50 -1.62
N ARG A 162 -40.28 14.32 -2.14
CA ARG A 162 -39.97 13.17 -1.29
C ARG A 162 -38.55 13.35 -0.78
N VAL A 163 -38.39 13.47 0.53
CA VAL A 163 -37.08 13.63 1.14
C VAL A 163 -36.81 12.48 2.09
N LEU A 164 -35.60 11.93 2.01
CA LEU A 164 -35.21 10.83 2.89
C LEU A 164 -34.58 11.37 4.17
N THR A 165 -35.43 11.82 5.09
CA THR A 165 -34.98 12.41 6.33
C THR A 165 -34.47 11.37 7.34
N GLY A 166 -34.99 10.14 7.23
CA GLY A 166 -34.60 9.07 8.12
C GLY A 166 -34.43 9.51 9.56
N VAL A 167 -33.36 9.06 10.18
CA VAL A 167 -33.04 9.44 11.56
C VAL A 167 -32.32 10.78 11.60
N PHE A 168 -32.91 11.76 12.26
CA PHE A 168 -32.34 13.11 12.26
C PHE A 168 -31.89 13.62 13.64
N THR A 169 -31.17 14.73 13.62
CA THR A 169 -30.74 15.41 14.82
C THR A 169 -30.85 16.90 14.55
N LYS A 170 -30.79 17.71 15.60
CA LYS A 170 -30.76 19.16 15.41
C LYS A 170 -29.47 19.52 14.66
N GLY A 171 -29.57 20.49 13.76
CA GLY A 171 -28.42 20.90 12.99
C GLY A 171 -27.73 22.12 13.58
N ARG A 172 -26.67 22.57 12.91
CA ARG A 172 -25.92 23.74 13.32
C ARG A 172 -25.08 24.20 12.15
N ALA A 173 -24.88 25.51 12.03
CA ALA A 173 -24.13 26.03 10.89
C ALA A 173 -22.79 25.32 10.78
N GLY A 174 -22.26 25.23 9.57
CA GLY A 174 -20.95 24.65 9.35
C GLY A 174 -20.96 23.18 9.03
N LEU A 175 -22.10 22.51 9.22
CA LEU A 175 -22.23 21.11 8.83
C LEU A 175 -22.09 20.94 7.31
N VAL A 176 -21.15 20.11 6.89
CA VAL A 176 -21.04 19.77 5.48
C VAL A 176 -21.58 18.36 5.25
N THR A 177 -21.59 17.57 6.32
CA THR A 177 -22.25 16.27 6.32
C THR A 177 -23.03 16.15 7.62
N PRO A 178 -23.99 15.20 7.68
CA PRO A 178 -24.71 15.02 8.93
C PRO A 178 -23.75 14.56 10.02
N PRO A 179 -24.05 14.85 11.29
CA PRO A 179 -23.17 14.43 12.39
C PRO A 179 -23.22 12.92 12.59
N PRO A 180 -22.21 12.34 13.25
CA PRO A 180 -22.21 10.91 13.58
C PRO A 180 -23.23 10.62 14.67
N LYS A 181 -23.87 9.45 14.58
CA LYS A 181 -24.82 9.03 15.61
C LYS A 181 -24.04 8.85 16.90
N ASN A 182 -22.84 8.32 16.77
CA ASN A 182 -21.94 8.12 17.90
C ASN A 182 -20.60 8.79 17.63
N PRO A 183 -20.27 9.83 18.42
CA PRO A 183 -19.01 10.58 18.27
C PRO A 183 -17.79 9.69 18.15
N HIS A 184 -17.85 8.50 18.74
CA HIS A 184 -16.71 7.59 18.77
C HIS A 184 -16.83 6.51 17.68
N ASN A 185 -17.79 6.69 16.79
CA ASN A 185 -17.92 5.91 15.57
C ASN A 185 -18.37 6.88 14.48
N PRO A 186 -17.48 7.81 14.12
CA PRO A 186 -17.79 8.98 13.27
C PRO A 186 -18.30 8.62 11.87
N THR A 187 -18.40 7.34 11.56
CA THR A 187 -18.82 6.94 10.22
C THR A 187 -20.31 6.58 10.17
N ASP A 188 -20.90 6.28 11.32
CA ASP A 188 -22.34 6.05 11.37
C ASP A 188 -23.05 7.39 11.52
N LEU A 189 -23.60 7.90 10.42
CA LEU A 189 -24.13 9.25 10.38
C LEU A 189 -25.65 9.32 10.49
N PHE A 190 -26.14 10.45 11.00
CA PHE A 190 -27.55 10.76 10.91
C PHE A 190 -27.91 10.97 9.45
N ASP A 191 -29.18 10.76 9.11
CA ASP A 191 -29.62 10.82 7.72
C ASP A 191 -29.89 12.25 7.28
N SER A 192 -30.27 13.09 8.24
CA SER A 192 -30.53 14.50 7.97
C SER A 192 -30.50 15.27 9.27
N VAL A 193 -30.60 16.59 9.17
CA VAL A 193 -30.69 17.43 10.37
C VAL A 193 -31.96 18.26 10.30
N THR A 194 -32.39 18.78 11.45
CA THR A 194 -33.59 19.62 11.50
C THR A 194 -33.28 20.84 12.36
N ASN A 195 -34.19 21.82 12.38
CA ASN A 195 -34.03 23.00 13.22
C ASN A 195 -34.37 22.69 14.66
N ASN A 196 -35.35 21.81 14.84
CA ASN A 196 -35.86 21.45 16.15
C ASN A 196 -36.48 20.07 16.07
N THR A 197 -35.90 19.14 16.82
CA THR A 197 -36.29 17.74 16.76
C THR A 197 -37.71 17.49 17.31
N ARG A 198 -38.10 18.27 18.30
CA ARG A 198 -39.42 18.11 18.91
C ARG A 198 -40.52 18.67 18.01
N SER A 199 -40.20 19.75 17.30
CA SER A 199 -41.16 20.36 16.39
C SER A 199 -40.47 20.80 15.09
N PRO A 200 -40.12 19.82 14.23
CA PRO A 200 -39.40 20.09 12.99
C PRO A 200 -40.22 20.93 12.01
N LYS A 201 -39.64 22.01 11.52
CA LYS A 201 -40.29 22.84 10.50
C LYS A 201 -39.46 22.84 9.22
N LEU A 202 -38.22 22.36 9.32
CA LEU A 202 -37.36 22.24 8.15
C LEU A 202 -36.32 21.14 8.31
N PHE A 203 -35.95 20.52 7.19
CA PHE A 203 -34.93 19.48 7.17
C PHE A 203 -33.83 19.80 6.16
N VAL A 204 -32.61 19.35 6.46
CA VAL A 204 -31.49 19.54 5.57
C VAL A 204 -30.83 18.20 5.24
N VAL A 205 -30.63 17.94 3.95
CA VAL A 205 -29.96 16.72 3.52
C VAL A 205 -28.67 17.10 2.81
N PHE A 206 -27.64 16.27 2.98
CA PHE A 206 -26.29 16.61 2.54
C PHE A 206 -25.78 15.74 1.41
N PHE A 207 -26.64 14.87 0.89
CA PHE A 207 -26.26 13.99 -0.21
C PHE A 207 -27.25 14.04 -1.38
N ASP A 208 -26.77 13.71 -2.58
CA ASP A 208 -27.49 13.95 -3.83
C ASP A 208 -28.85 13.26 -3.95
N ASN A 209 -28.85 11.94 -3.79
CA ASN A 209 -30.04 11.15 -4.11
C ASN A 209 -31.01 11.02 -2.94
N GLN A 210 -31.05 12.02 -2.05
CA GLN A 210 -31.93 11.94 -0.89
C GLN A 210 -33.23 12.70 -1.08
N ALA A 211 -33.34 13.45 -2.18
CA ALA A 211 -34.56 14.18 -2.49
C ALA A 211 -35.04 13.96 -3.92
N TYR A 212 -36.31 13.56 -4.07
CA TYR A 212 -36.90 13.45 -5.39
C TYR A 212 -37.99 14.50 -5.57
N PRO A 213 -37.76 15.45 -6.50
CA PRO A 213 -38.79 16.43 -6.82
C PRO A 213 -39.94 15.72 -7.53
N GLU A 214 -41.08 15.62 -6.88
CA GLU A 214 -42.20 14.86 -7.45
C GLU A 214 -43.19 15.74 -8.22
N TYR A 215 -43.50 16.91 -7.66
CA TYR A 215 -44.37 17.86 -8.36
C TYR A 215 -43.77 19.26 -8.31
N LEU A 216 -44.07 20.03 -9.35
CA LEU A 216 -43.71 21.44 -9.39
C LEU A 216 -44.98 22.28 -9.35
N ILE A 217 -45.13 23.09 -8.31
CA ILE A 217 -46.29 23.96 -8.18
C ILE A 217 -45.97 25.37 -8.66
N THR A 218 -46.65 25.80 -9.72
CA THR A 218 -46.56 27.17 -10.19
C THR A 218 -47.75 27.95 -9.65
N PHE A 219 -47.48 29.05 -8.96
CA PHE A 219 -48.55 29.81 -8.31
C PHE A 219 -48.26 31.31 -8.28
N THR A 220 -49.29 32.09 -7.99
CA THR A 220 -49.19 33.55 -8.03
C THR A 220 -49.79 34.16 -6.77
N ALA A 221 -49.83 35.50 -6.72
CA ALA A 221 -50.45 36.20 -5.62
C ALA A 221 -51.94 36.42 -5.88
N LEU B 25 41.74 -11.59 14.98
CA LEU B 25 42.25 -10.24 14.72
C LEU B 25 43.71 -10.33 14.29
N PRO B 26 43.94 -10.27 12.96
CA PRO B 26 45.25 -10.47 12.35
C PRO B 26 46.43 -9.73 12.95
N GLU B 27 47.59 -10.26 12.59
CA GLU B 27 48.87 -9.86 13.17
C GLU B 27 49.23 -8.40 12.87
N HIS B 28 48.88 -7.93 11.67
CA HIS B 28 49.16 -6.54 11.30
C HIS B 28 48.24 -5.54 11.98
N TRP B 29 47.10 -5.99 12.49
CA TRP B 29 46.17 -5.10 13.16
C TRP B 29 46.87 -4.43 14.36
N THR B 30 46.49 -3.21 14.65
CA THR B 30 47.01 -2.49 15.82
C THR B 30 46.05 -2.66 16.99
N ASP B 31 46.45 -2.15 18.15
CA ASP B 31 45.64 -2.27 19.36
C ASP B 31 44.34 -1.47 19.24
N MET B 32 43.22 -2.12 19.56
CA MET B 32 41.91 -1.48 19.48
C MET B 32 41.30 -1.21 20.86
N ASN B 33 42.16 -1.07 21.86
CA ASN B 33 41.72 -0.80 23.24
C ASN B 33 40.45 -1.50 23.66
N HIS B 34 40.30 -2.76 23.22
CA HIS B 34 39.20 -3.61 23.64
C HIS B 34 37.89 -3.33 22.88
N GLN B 35 37.99 -2.54 21.80
CA GLN B 35 36.84 -2.24 20.96
C GLN B 35 36.70 -3.27 19.84
N LEU B 36 35.61 -3.18 19.10
CA LEU B 36 35.31 -4.18 18.08
C LEU B 36 35.56 -3.65 16.67
N PHE B 37 35.64 -2.33 16.56
CA PHE B 37 35.83 -1.68 15.25
C PHE B 37 36.65 -0.40 15.39
N CYS B 38 37.57 -0.19 14.47
CA CYS B 38 38.27 1.09 14.36
C CYS B 38 39.00 1.23 13.01
N MET B 39 39.05 2.46 12.50
CA MET B 39 39.76 2.76 11.27
C MET B 39 41.17 3.23 11.57
N VAL B 40 42.15 2.49 11.06
CA VAL B 40 43.56 2.77 11.32
C VAL B 40 44.24 3.39 10.10
N GLN B 41 44.47 4.69 10.13
CA GLN B 41 45.17 5.37 9.05
C GLN B 41 46.62 4.91 8.96
N LEU B 42 47.03 4.51 7.75
CA LEU B 42 48.36 3.96 7.54
C LEU B 42 49.42 5.04 7.40
N GLU B 43 50.68 4.62 7.52
CA GLU B 43 51.81 5.54 7.41
C GLU B 43 52.48 5.34 6.06
N PRO B 44 52.57 6.42 5.25
CA PRO B 44 53.25 6.37 3.96
C PRO B 44 54.74 6.08 4.11
N GLY B 45 55.29 5.27 3.21
CA GLY B 45 56.69 4.90 3.30
C GLY B 45 56.89 3.58 4.01
N GLN B 46 55.83 3.10 4.66
CA GLN B 46 55.88 1.82 5.34
C GLN B 46 55.37 0.72 4.43
N SER B 47 55.91 -0.48 4.56
CA SER B 47 55.60 -1.58 3.65
C SER B 47 54.10 -1.72 3.44
N GLU B 48 53.34 -1.69 4.54
CA GLU B 48 51.89 -1.90 4.45
C GLU B 48 51.23 -0.88 3.52
N TYR B 49 51.45 0.39 3.80
CA TYR B 49 50.92 1.47 2.97
C TYR B 49 51.37 1.31 1.52
N ASN B 50 52.68 1.22 1.33
CA ASN B 50 53.26 1.14 -0.01
C ASN B 50 52.79 -0.08 -0.78
N THR B 51 52.49 -1.17 -0.07
CA THR B 51 51.99 -2.38 -0.71
C THR B 51 50.64 -2.14 -1.37
N ILE B 52 49.75 -1.48 -0.63
CA ILE B 52 48.42 -1.16 -1.14
C ILE B 52 48.49 -0.08 -2.21
N LYS B 53 49.40 0.87 -2.04
CA LYS B 53 49.59 1.93 -3.04
C LYS B 53 50.02 1.36 -4.39
N ASP B 54 50.87 0.32 -4.35
CA ASP B 54 51.39 -0.31 -5.56
C ASP B 54 50.32 -1.04 -6.35
N LYS B 55 49.37 -1.63 -5.64
CA LYS B 55 48.28 -2.37 -6.28
C LYS B 55 47.27 -1.41 -6.89
N PHE B 56 47.18 -0.23 -6.30
CA PHE B 56 46.30 0.81 -6.81
C PHE B 56 46.91 1.48 -8.03
N THR B 57 48.13 1.99 -7.86
CA THR B 57 48.79 2.74 -8.91
C THR B 57 49.04 1.89 -10.15
N ARG B 58 49.13 0.59 -9.94
CA ARG B 58 49.35 -0.39 -11.01
C ARG B 58 48.45 -0.12 -12.21
N THR B 59 47.26 0.41 -11.95
CA THR B 59 46.32 0.80 -13.01
C THR B 59 45.78 2.21 -12.80
N CYS B 60 46.15 2.82 -11.66
CA CYS B 60 45.69 4.17 -11.32
C CYS B 60 46.84 5.10 -10.99
N SER B 61 47.88 5.09 -11.83
CA SER B 61 49.06 5.93 -11.57
C SER B 61 48.75 7.42 -11.71
N SER B 62 47.63 7.75 -12.33
CA SER B 62 47.26 9.15 -12.60
C SER B 62 46.55 9.83 -11.42
N TYR B 63 46.06 9.04 -10.48
CA TYR B 63 45.34 9.57 -9.32
C TYR B 63 46.27 9.81 -8.13
N ALA B 64 45.83 10.65 -7.20
CA ALA B 64 46.63 10.98 -6.03
C ALA B 64 46.02 10.42 -4.75
N ILE B 65 46.72 9.48 -4.12
CA ILE B 65 46.25 8.90 -2.86
C ILE B 65 46.38 9.89 -1.71
N GLU B 66 45.23 10.32 -1.17
CA GLU B 66 45.20 11.21 -0.03
C GLU B 66 45.52 10.45 1.25
N LYS B 67 44.94 9.26 1.40
CA LYS B 67 45.25 8.41 2.55
C LYS B 67 44.73 6.98 2.36
N ILE B 68 45.29 6.07 3.14
CA ILE B 68 44.85 4.67 3.16
C ILE B 68 44.57 4.25 4.59
N GLU B 69 43.39 3.68 4.83
CA GLU B 69 43.00 3.25 6.16
C GLU B 69 42.75 1.75 6.25
N ARG B 70 43.40 1.10 7.19
CA ARG B 70 43.16 -0.31 7.48
C ARG B 70 41.85 -0.45 8.25
N ILE B 71 40.98 -1.34 7.78
CA ILE B 71 39.68 -1.48 8.41
C ILE B 71 39.70 -2.66 9.38
N GLN B 72 39.54 -2.33 10.67
CA GLN B 72 39.59 -3.34 11.72
C GLN B 72 38.21 -3.61 12.29
N ASN B 73 37.48 -4.51 11.64
CA ASN B 73 36.14 -4.89 12.06
C ASN B 73 36.15 -6.32 12.56
N ALA B 74 36.23 -6.49 13.88
CA ALA B 74 36.30 -7.81 14.49
C ALA B 74 35.15 -8.68 14.00
N PHE B 75 33.93 -8.16 14.07
CA PHE B 75 32.73 -8.91 13.70
C PHE B 75 32.71 -9.36 12.24
N LEU B 76 32.88 -8.41 11.32
CA LEU B 76 32.96 -8.73 9.89
C LEU B 76 34.06 -9.75 9.62
N TRP B 77 35.22 -9.54 10.25
CA TRP B 77 36.35 -10.43 10.09
C TRP B 77 36.00 -11.85 10.51
N GLN B 78 35.40 -11.98 11.70
CA GLN B 78 34.99 -13.28 12.22
C GLN B 78 34.09 -14.02 11.23
N SER B 79 32.97 -13.40 10.86
CA SER B 79 32.00 -14.03 9.96
C SER B 79 32.64 -14.42 8.62
N TYR B 80 33.49 -13.53 8.11
CA TYR B 80 34.22 -13.78 6.87
C TYR B 80 35.14 -15.00 6.98
N GLN B 81 35.95 -15.05 8.02
CA GLN B 81 36.92 -16.14 8.19
C GLN B 81 36.25 -17.48 8.39
N VAL B 82 35.12 -17.48 9.11
CA VAL B 82 34.29 -18.67 9.23
C VAL B 82 33.80 -19.07 7.85
N LYS B 83 33.54 -18.07 7.02
CA LYS B 83 33.08 -18.32 5.65
C LYS B 83 34.21 -18.89 4.81
N LYS B 84 35.40 -18.34 4.99
CA LYS B 84 36.59 -18.76 4.24
C LYS B 84 36.95 -20.20 4.54
N ARG B 85 37.01 -20.56 5.83
CA ARG B 85 37.33 -21.92 6.22
C ARG B 85 36.31 -22.92 5.69
N GLN B 86 35.05 -22.54 5.67
CA GLN B 86 34.00 -23.42 5.15
C GLN B 86 34.22 -23.67 3.67
N MET B 87 34.62 -22.64 2.94
CA MET B 87 34.86 -22.73 1.50
C MET B 87 36.14 -23.52 1.18
N ASP B 88 37.16 -23.36 2.01
CA ASP B 88 38.38 -24.16 1.88
C ASP B 88 38.07 -25.65 2.07
N ILE B 89 37.16 -25.95 2.99
CA ILE B 89 36.77 -27.33 3.28
C ILE B 89 35.92 -27.91 2.17
N LYS B 90 34.93 -27.13 1.76
CA LYS B 90 33.96 -27.57 0.78
C LYS B 90 34.58 -27.74 -0.61
N ASN B 91 35.51 -26.86 -0.95
CA ASN B 91 36.13 -26.90 -2.28
C ASN B 91 37.31 -27.85 -2.35
N ASP B 92 37.60 -28.50 -1.22
CA ASP B 92 38.77 -29.41 -1.10
C ASP B 92 40.00 -28.65 -1.53
N HIS B 93 39.96 -27.32 -1.44
CA HIS B 93 41.15 -26.54 -1.80
C HIS B 93 41.20 -25.15 -1.17
N LYS B 94 42.29 -24.46 -1.41
CA LYS B 94 42.72 -23.36 -0.54
C LYS B 94 42.81 -22.04 -1.29
N ASN B 95 42.51 -22.08 -2.59
CA ASN B 95 42.60 -20.89 -3.42
C ASN B 95 41.23 -20.25 -3.67
N ASN B 96 40.65 -19.71 -2.61
CA ASN B 96 39.29 -19.18 -2.66
C ASN B 96 39.22 -17.66 -2.45
N GLU B 97 40.34 -17.05 -2.11
CA GLU B 97 40.38 -15.62 -1.77
C GLU B 97 41.11 -14.82 -2.86
N ARG B 98 40.57 -13.65 -3.17
CA ARG B 98 41.15 -12.74 -4.16
C ARG B 98 41.11 -11.33 -3.63
N LEU B 99 42.17 -10.57 -3.89
CA LEU B 99 42.21 -9.18 -3.48
C LEU B 99 41.65 -8.31 -4.61
N LEU B 100 40.47 -7.75 -4.39
CA LEU B 100 39.78 -7.02 -5.44
C LEU B 100 39.47 -5.60 -4.98
N PHE B 101 38.87 -4.81 -5.87
CA PHE B 101 38.59 -3.40 -5.57
C PHE B 101 37.09 -3.09 -5.56
N HIS B 102 36.70 -2.07 -4.81
CA HIS B 102 35.31 -1.63 -4.82
C HIS B 102 35.17 -0.12 -4.60
N GLY B 103 34.74 0.59 -5.65
CA GLY B 103 34.49 2.01 -5.54
C GLY B 103 33.08 2.32 -5.09
N THR B 104 32.95 3.22 -4.13
CA THR B 104 31.64 3.70 -3.69
C THR B 104 31.62 5.21 -3.44
N ASP B 105 30.42 5.76 -3.37
CA ASP B 105 30.23 7.15 -2.99
C ASP B 105 30.66 7.35 -1.55
N ALA B 106 30.68 8.59 -1.08
CA ALA B 106 31.11 8.88 0.27
C ALA B 106 30.06 8.48 1.31
N ASP B 107 28.80 8.50 0.91
CA ASP B 107 27.70 8.22 1.82
C ASP B 107 27.62 6.75 2.23
N SER B 108 28.16 5.86 1.39
CA SER B 108 28.09 4.42 1.64
C SER B 108 29.28 3.95 2.48
N VAL B 109 30.24 4.85 2.67
CA VAL B 109 31.47 4.51 3.38
C VAL B 109 31.27 4.13 4.85
N PRO B 110 30.51 4.94 5.61
CA PRO B 110 30.24 4.59 7.01
C PRO B 110 29.61 3.22 7.13
N TYR B 111 28.61 2.93 6.30
CA TYR B 111 27.94 1.63 6.34
C TYR B 111 28.88 0.47 6.00
N VAL B 112 29.67 0.62 4.94
CA VAL B 112 30.57 -0.43 4.50
C VAL B 112 31.63 -0.74 5.54
N ASN B 113 32.22 0.29 6.12
CA ASN B 113 33.19 0.11 7.20
C ASN B 113 32.64 -0.79 8.30
N GLN B 114 31.33 -0.76 8.49
CA GLN B 114 30.70 -1.38 9.65
C GLN B 114 30.01 -2.71 9.34
N HIS B 115 29.37 -2.78 8.18
CA HIS B 115 28.51 -3.91 7.84
C HIS B 115 28.95 -4.58 6.57
N GLY B 116 29.94 -3.98 5.91
CA GLY B 116 30.47 -4.51 4.67
C GLY B 116 29.56 -4.26 3.49
N PHE B 117 29.51 -5.24 2.58
CA PHE B 117 28.81 -5.06 1.32
C PHE B 117 27.47 -5.79 1.28
N ASN B 118 26.44 -5.06 0.85
CA ASN B 118 25.06 -5.55 0.86
C ASN B 118 24.49 -5.54 -0.56
N ARG B 119 24.15 -6.72 -1.05
CA ARG B 119 23.59 -6.83 -2.39
C ARG B 119 22.24 -6.11 -2.52
N SER B 120 21.52 -6.02 -1.40
CA SER B 120 20.20 -5.39 -1.37
C SER B 120 20.27 -3.88 -1.54
N CYS B 121 21.45 -3.31 -1.30
CA CYS B 121 21.70 -1.89 -1.55
C CYS B 121 22.22 -1.73 -2.98
N SER B 128 25.55 -6.12 -16.44
CA SER B 128 25.12 -6.82 -15.25
C SER B 128 25.26 -8.32 -15.39
N TYR B 129 25.96 -8.93 -14.43
CA TYR B 129 26.15 -10.37 -14.42
C TYR B 129 25.50 -10.99 -13.19
N GLY B 130 24.53 -10.27 -12.63
CA GLY B 130 23.78 -10.74 -11.49
C GLY B 130 23.55 -9.66 -10.44
N LYS B 131 22.64 -9.94 -9.52
CA LYS B 131 22.29 -9.01 -8.45
C LYS B 131 23.00 -9.35 -7.14
N GLY B 132 24.32 -9.11 -7.12
CA GLY B 132 25.12 -9.24 -5.91
C GLY B 132 26.00 -8.01 -5.78
N THR B 133 27.06 -8.10 -4.98
CA THR B 133 28.01 -7.01 -4.89
C THR B 133 29.13 -7.21 -5.91
N TYR B 134 29.61 -6.12 -6.51
CA TYR B 134 30.57 -6.19 -7.61
C TYR B 134 31.98 -5.79 -7.20
N PHE B 135 32.97 -6.59 -7.64
CA PHE B 135 34.36 -6.33 -7.31
C PHE B 135 35.27 -6.42 -8.53
N ALA B 136 36.08 -5.38 -8.74
CA ALA B 136 36.93 -5.29 -9.91
C ALA B 136 38.37 -5.76 -9.65
N VAL B 137 38.96 -6.36 -10.67
CA VAL B 137 40.34 -6.82 -10.60
C VAL B 137 41.29 -5.63 -10.64
N ASP B 138 40.99 -4.68 -11.53
CA ASP B 138 41.81 -3.49 -11.68
C ASP B 138 41.21 -2.31 -10.94
N ALA B 139 42.06 -1.53 -10.28
CA ALA B 139 41.61 -0.40 -9.49
C ALA B 139 41.08 0.68 -10.41
N SER B 140 41.60 0.71 -11.64
CA SER B 140 41.16 1.67 -12.63
C SER B 140 39.68 1.51 -12.92
N TYR B 141 39.16 0.29 -12.78
CA TYR B 141 37.75 0.02 -13.06
C TYR B 141 36.86 0.63 -11.96
N SER B 142 37.34 0.56 -10.73
CA SER B 142 36.60 1.09 -9.59
C SER B 142 36.81 2.59 -9.43
N ALA B 143 37.76 3.13 -10.17
CA ALA B 143 38.10 4.54 -10.08
C ALA B 143 37.16 5.42 -10.89
N LYS B 144 36.28 4.78 -11.66
CA LYS B 144 35.28 5.49 -12.46
C LYS B 144 34.34 6.30 -11.58
N ASP B 145 34.03 7.53 -12.00
CA ASP B 145 33.15 8.39 -11.23
C ASP B 145 31.79 7.74 -10.95
N THR B 146 31.34 6.89 -11.86
CA THR B 146 30.08 6.18 -11.68
C THR B 146 30.11 5.28 -10.44
N TYR B 147 31.29 4.82 -10.06
CA TYR B 147 31.45 3.97 -8.90
C TYR B 147 31.97 4.76 -7.71
N SER B 148 33.24 5.13 -7.77
CA SER B 148 33.83 5.99 -6.73
C SER B 148 33.45 7.45 -6.97
N LYS B 149 32.16 7.74 -6.79
CA LYS B 149 31.60 9.06 -6.99
C LYS B 149 32.26 10.11 -6.08
N PRO B 150 32.85 11.15 -6.70
CA PRO B 150 33.54 12.22 -5.96
C PRO B 150 32.57 12.99 -5.07
N ASP B 151 32.95 13.22 -3.82
CA ASP B 151 32.12 14.03 -2.93
C ASP B 151 32.30 15.50 -3.26
N SER B 152 31.60 16.36 -2.52
CA SER B 152 31.62 17.81 -2.77
C SER B 152 33.04 18.38 -2.75
N ASN B 153 33.94 17.66 -2.08
CA ASN B 153 35.33 18.08 -1.94
C ASN B 153 36.25 17.49 -3.01
N GLY B 154 35.70 16.60 -3.83
CA GLY B 154 36.45 16.01 -4.93
C GLY B 154 37.04 14.65 -4.61
N ARG B 155 36.94 14.24 -3.35
CA ARG B 155 37.49 12.97 -2.89
C ARG B 155 36.75 11.76 -3.46
N LYS B 156 37.51 10.76 -3.91
CA LYS B 156 36.94 9.51 -4.38
C LYS B 156 37.30 8.38 -3.42
N HIS B 157 36.44 7.35 -3.36
CA HIS B 157 36.64 6.27 -2.39
C HIS B 157 36.57 4.89 -3.02
N MET B 158 37.55 4.05 -2.73
CA MET B 158 37.49 2.65 -3.14
C MET B 158 38.17 1.75 -2.13
N TYR B 159 37.53 0.63 -1.83
CA TYR B 159 38.04 -0.32 -0.85
C TYR B 159 38.96 -1.33 -1.53
N VAL B 160 39.90 -1.86 -0.74
CA VAL B 160 40.64 -3.04 -1.12
C VAL B 160 39.99 -4.19 -0.35
N VAL B 161 39.43 -5.15 -1.09
CA VAL B 161 38.56 -6.16 -0.49
C VAL B 161 39.05 -7.59 -0.69
N ARG B 162 39.07 -8.35 0.41
CA ARG B 162 39.24 -9.79 0.34
C ARG B 162 37.89 -10.39 -0.06
N VAL B 163 37.83 -10.98 -1.25
CA VAL B 163 36.59 -11.54 -1.76
C VAL B 163 36.73 -13.04 -1.95
N LEU B 164 35.83 -13.79 -1.33
CA LEU B 164 35.85 -15.24 -1.48
C LEU B 164 35.20 -15.63 -2.80
N THR B 165 35.98 -15.50 -3.88
CA THR B 165 35.51 -15.87 -5.21
C THR B 165 35.38 -17.39 -5.39
N GLY B 166 36.22 -18.15 -4.68
CA GLY B 166 36.18 -19.60 -4.75
C GLY B 166 36.15 -20.15 -6.16
N VAL B 167 35.25 -21.09 -6.40
CA VAL B 167 35.02 -21.62 -7.74
C VAL B 167 33.95 -20.78 -8.44
N PHE B 168 34.25 -20.28 -9.63
CA PHE B 168 33.37 -19.33 -10.28
C PHE B 168 32.97 -19.74 -11.71
N THR B 169 31.92 -19.09 -12.21
CA THR B 169 31.44 -19.33 -13.57
C THR B 169 31.03 -17.99 -14.17
N LYS B 170 30.85 -17.94 -15.49
CA LYS B 170 30.42 -16.69 -16.10
C LYS B 170 29.03 -16.36 -15.58
N GLY B 171 28.77 -15.06 -15.40
CA GLY B 171 27.49 -14.60 -14.89
C GLY B 171 26.53 -14.19 -15.98
N ARG B 172 25.34 -13.77 -15.57
CA ARG B 172 24.30 -13.32 -16.49
C ARG B 172 23.24 -12.56 -15.68
N ALA B 173 22.66 -11.53 -16.28
CA ALA B 173 21.67 -10.72 -15.59
C ALA B 173 20.57 -11.58 -14.97
N GLY B 174 19.99 -11.10 -13.88
CA GLY B 174 18.88 -11.80 -13.25
C GLY B 174 19.27 -12.79 -12.17
N LEU B 175 20.56 -13.09 -12.09
CA LEU B 175 21.05 -13.97 -11.03
C LEU B 175 20.83 -13.34 -9.66
N VAL B 176 20.18 -14.07 -8.76
CA VAL B 176 20.01 -13.62 -7.38
C VAL B 176 20.91 -14.47 -6.47
N THR B 177 21.25 -15.67 -6.94
CA THR B 177 22.26 -16.51 -6.28
C THR B 177 23.17 -17.07 -7.36
N PRO B 178 24.34 -17.58 -6.98
CA PRO B 178 25.20 -18.19 -8.00
C PRO B 178 24.50 -19.40 -8.61
N PRO B 179 24.88 -19.79 -9.84
CA PRO B 179 24.29 -20.96 -10.47
C PRO B 179 24.78 -22.26 -9.84
N PRO B 180 24.03 -23.36 -10.02
CA PRO B 180 24.47 -24.67 -9.53
C PRO B 180 25.65 -25.19 -10.35
N LYS B 181 26.58 -25.85 -9.69
CA LYS B 181 27.68 -26.48 -10.39
C LYS B 181 27.13 -27.58 -11.28
N ASN B 182 26.07 -28.21 -10.81
CA ASN B 182 25.39 -29.24 -11.58
C ASN B 182 23.89 -28.98 -11.59
N PRO B 183 23.32 -28.73 -12.78
CA PRO B 183 21.91 -28.40 -12.97
C PRO B 183 20.98 -29.41 -12.30
N HIS B 184 21.46 -30.64 -12.16
CA HIS B 184 20.63 -31.70 -11.59
C HIS B 184 20.95 -31.95 -10.12
N ASN B 185 21.77 -31.07 -9.55
CA ASN B 185 21.99 -31.00 -8.11
C ASN B 185 21.99 -29.53 -7.70
N PRO B 186 20.85 -28.86 -7.88
CA PRO B 186 20.73 -27.40 -7.82
C PRO B 186 21.18 -26.75 -6.51
N THR B 187 21.63 -27.54 -5.54
CA THR B 187 22.03 -26.98 -4.25
C THR B 187 23.55 -26.82 -4.12
N ASP B 188 24.29 -27.54 -4.96
CA ASP B 188 25.73 -27.36 -5.00
C ASP B 188 26.04 -26.17 -5.89
N LEU B 189 26.30 -25.01 -5.30
CA LEU B 189 26.43 -23.76 -6.05
C LEU B 189 27.87 -23.35 -6.31
N PHE B 190 28.05 -22.56 -7.37
CA PHE B 190 29.31 -21.87 -7.56
C PHE B 190 29.44 -20.83 -6.46
N ASP B 191 30.66 -20.42 -6.16
CA ASP B 191 30.90 -19.48 -5.07
C ASP B 191 30.72 -18.04 -5.53
N SER B 192 30.97 -17.81 -6.81
CA SER B 192 30.80 -16.49 -7.39
C SER B 192 30.64 -16.61 -8.89
N VAL B 193 30.41 -15.48 -9.54
CA VAL B 193 30.38 -15.42 -10.99
C VAL B 193 31.32 -14.32 -11.46
N THR B 194 31.74 -14.40 -12.73
CA THR B 194 32.62 -13.40 -13.31
C THR B 194 32.08 -12.97 -14.68
N ASN B 195 32.74 -11.97 -15.29
CA ASN B 195 32.33 -11.50 -16.61
C ASN B 195 32.91 -12.38 -17.71
N ASN B 196 34.06 -12.98 -17.40
CA ASN B 196 34.79 -13.81 -18.35
C ASN B 196 35.75 -14.71 -17.58
N THR B 197 35.49 -16.01 -17.62
CA THR B 197 36.28 -16.97 -16.85
C THR B 197 37.75 -17.03 -17.28
N ARG B 198 38.00 -16.90 -18.58
CA ARG B 198 39.37 -16.97 -19.09
C ARG B 198 40.15 -15.69 -18.80
N SER B 199 39.44 -14.58 -18.68
CA SER B 199 40.08 -13.30 -18.39
C SER B 199 39.18 -12.45 -17.51
N PRO B 200 39.05 -12.83 -16.22
CA PRO B 200 38.15 -12.15 -15.28
C PRO B 200 38.61 -10.74 -14.96
N LYS B 201 37.72 -9.77 -15.13
CA LYS B 201 38.00 -8.39 -14.75
C LYS B 201 37.14 -7.96 -13.57
N LEU B 202 36.04 -8.68 -13.35
CA LEU B 202 35.15 -8.41 -12.22
C LEU B 202 34.47 -9.67 -11.71
N PHE B 203 34.18 -9.67 -10.41
CA PHE B 203 33.49 -10.79 -9.77
C PHE B 203 32.26 -10.31 -9.00
N VAL B 204 31.25 -11.16 -8.91
CA VAL B 204 30.05 -10.85 -8.15
C VAL B 204 29.78 -11.94 -7.12
N VAL B 205 29.51 -11.52 -5.90
CA VAL B 205 29.17 -12.44 -4.81
C VAL B 205 27.78 -12.12 -4.31
N PHE B 206 27.05 -13.16 -3.91
CA PHE B 206 25.62 -13.03 -3.64
C PHE B 206 25.25 -13.26 -2.19
N PHE B 207 26.26 -13.38 -1.33
CA PHE B 207 26.04 -13.61 0.09
C PHE B 207 26.87 -12.68 0.95
N ASP B 208 26.40 -12.43 2.17
CA ASP B 208 26.90 -11.36 3.04
C ASP B 208 28.38 -11.46 3.47
N ASN B 209 28.76 -12.62 3.98
CA ASN B 209 30.10 -12.76 4.54
C ASN B 209 31.14 -13.26 3.56
N GLN B 210 31.00 -12.85 2.29
CA GLN B 210 31.95 -13.27 1.26
C GLN B 210 32.93 -12.18 0.88
N ALA B 211 32.84 -11.04 1.54
CA ALA B 211 33.74 -9.92 1.27
C ALA B 211 34.13 -9.18 2.54
N TYR B 212 35.43 -9.02 2.77
CA TYR B 212 35.89 -8.20 3.88
C TYR B 212 36.61 -6.97 3.37
N PRO B 213 36.08 -5.78 3.70
CA PRO B 213 36.72 -4.49 3.34
C PRO B 213 37.97 -4.30 4.18
N GLU B 214 39.15 -4.50 3.59
CA GLU B 214 40.38 -4.49 4.38
C GLU B 214 41.06 -3.12 4.44
N TYR B 215 40.97 -2.36 3.36
CA TYR B 215 41.51 -1.00 3.35
C TYR B 215 40.58 -0.05 2.61
N LEU B 216 40.57 1.21 3.03
CA LEU B 216 39.82 2.25 2.35
C LEU B 216 40.78 3.28 1.78
N ILE B 217 40.81 3.37 0.46
CA ILE B 217 41.68 4.34 -0.21
C ILE B 217 40.92 5.62 -0.56
N THR B 218 41.36 6.72 0.05
CA THR B 218 40.83 8.03 -0.30
C THR B 218 41.79 8.70 -1.28
N PHE B 219 41.30 9.05 -2.46
CA PHE B 219 42.16 9.62 -3.48
C PHE B 219 41.45 10.72 -4.28
N THR B 220 42.25 11.53 -4.98
CA THR B 220 41.73 12.67 -5.71
C THR B 220 42.25 12.69 -7.15
N LEU C 25 29.55 -28.05 16.92
CA LEU C 25 28.19 -28.46 16.58
C LEU C 25 27.48 -29.00 17.81
N PRO C 26 26.14 -28.83 17.86
CA PRO C 26 25.32 -29.31 18.97
C PRO C 26 25.50 -30.79 19.26
N GLU C 27 25.60 -31.12 20.55
CA GLU C 27 25.95 -32.46 20.98
C GLU C 27 24.81 -33.47 20.82
N HIS C 28 23.59 -32.97 20.69
CA HIS C 28 22.42 -33.83 20.59
C HIS C 28 22.10 -34.23 19.14
N TRP C 29 22.77 -33.60 18.18
CA TRP C 29 22.62 -33.96 16.78
C TRP C 29 23.16 -35.38 16.63
N THR C 30 22.68 -36.11 15.63
CA THR C 30 23.23 -37.42 15.35
C THR C 30 24.61 -37.27 14.70
N ASP C 31 25.37 -38.37 14.65
CA ASP C 31 26.68 -38.36 14.00
C ASP C 31 26.51 -38.31 12.49
N MET C 32 27.11 -37.31 11.85
CA MET C 32 26.96 -37.13 10.42
C MET C 32 28.05 -37.83 9.63
N ASN C 33 28.84 -38.66 10.32
CA ASN C 33 29.95 -39.38 9.70
C ASN C 33 30.78 -38.49 8.79
N HIS C 34 31.14 -37.31 9.31
CA HIS C 34 31.97 -36.35 8.59
C HIS C 34 31.23 -35.66 7.43
N GLN C 35 29.91 -35.66 7.49
CA GLN C 35 29.11 -34.90 6.54
C GLN C 35 28.79 -33.52 7.14
N LEU C 36 28.36 -32.61 6.28
CA LEU C 36 28.14 -31.22 6.69
C LEU C 36 26.65 -30.86 6.72
N PHE C 37 25.81 -31.77 6.25
CA PHE C 37 24.38 -31.54 6.20
C PHE C 37 23.58 -32.84 6.11
N CYS C 38 22.51 -32.94 6.91
CA CYS C 38 21.59 -34.06 6.81
C CYS C 38 20.25 -33.78 7.50
N MET C 39 19.17 -34.33 6.93
CA MET C 39 17.84 -34.23 7.50
C MET C 39 17.60 -35.41 8.42
N VAL C 40 17.36 -35.15 9.69
CA VAL C 40 17.13 -36.22 10.65
C VAL C 40 15.66 -36.30 11.06
N GLN C 41 15.00 -37.38 10.67
CA GLN C 41 13.58 -37.54 10.97
C GLN C 41 13.34 -37.84 12.45
N LEU C 42 12.50 -37.03 13.08
CA LEU C 42 12.16 -37.22 14.49
C LEU C 42 11.09 -38.28 14.69
N GLU C 43 11.05 -38.83 15.90
CA GLU C 43 10.09 -39.88 16.24
C GLU C 43 9.10 -39.35 17.27
N PRO C 44 7.79 -39.49 16.99
CA PRO C 44 6.76 -39.01 17.91
C PRO C 44 6.85 -39.72 19.26
N GLY C 45 6.38 -39.08 20.32
CA GLY C 45 6.49 -39.66 21.65
C GLY C 45 7.73 -39.16 22.35
N GLN C 46 8.80 -38.99 21.59
CA GLN C 46 10.01 -38.35 22.10
C GLN C 46 9.71 -36.89 22.40
N SER C 47 10.40 -36.32 23.38
CA SER C 47 10.14 -34.96 23.83
C SER C 47 10.35 -33.92 22.73
N GLU C 48 11.36 -34.15 21.90
CA GLU C 48 11.75 -33.20 20.87
C GLU C 48 10.66 -33.07 19.80
N TYR C 49 10.08 -34.18 19.40
CA TYR C 49 9.00 -34.18 18.43
C TYR C 49 7.76 -33.52 19.01
N ASN C 50 7.35 -33.99 20.19
CA ASN C 50 6.12 -33.54 20.84
C ASN C 50 6.11 -32.04 21.17
N THR C 51 7.25 -31.51 21.56
CA THR C 51 7.35 -30.09 21.89
C THR C 51 7.15 -29.21 20.67
N ILE C 52 7.77 -29.59 19.55
CA ILE C 52 7.59 -28.89 18.30
C ILE C 52 6.15 -29.07 17.81
N LYS C 53 5.57 -30.25 18.06
CA LYS C 53 4.19 -30.49 17.70
C LYS C 53 3.26 -29.62 18.54
N ASP C 54 3.59 -29.49 19.82
CA ASP C 54 2.77 -28.69 20.74
C ASP C 54 2.78 -27.22 20.39
N LYS C 55 3.93 -26.71 19.95
CA LYS C 55 4.03 -25.31 19.51
C LYS C 55 3.29 -25.07 18.18
N PHE C 56 3.21 -26.12 17.36
CA PHE C 56 2.50 -26.06 16.08
C PHE C 56 0.99 -26.12 16.29
N THR C 57 0.57 -27.20 16.95
CA THR C 57 -0.84 -27.42 17.26
C THR C 57 -1.45 -26.28 18.08
N ARG C 58 -0.60 -25.57 18.81
CA ARG C 58 -1.05 -24.47 19.66
C ARG C 58 -1.96 -23.53 18.88
N THR C 59 -1.74 -23.43 17.57
CA THR C 59 -2.55 -22.57 16.70
C THR C 59 -2.96 -23.27 15.40
N CYS C 60 -2.52 -24.51 15.22
CA CYS C 60 -2.87 -25.29 14.02
C CYS C 60 -3.45 -26.65 14.37
N SER C 61 -4.27 -26.69 15.42
CA SER C 61 -4.81 -27.95 15.93
C SER C 61 -5.65 -28.68 14.89
N SER C 62 -6.00 -27.97 13.82
CA SER C 62 -6.83 -28.53 12.76
C SER C 62 -6.03 -29.30 11.71
N TYR C 63 -4.73 -29.02 11.63
CA TYR C 63 -3.87 -29.69 10.68
C TYR C 63 -3.27 -30.96 11.27
N ALA C 64 -2.81 -31.86 10.40
CA ALA C 64 -2.20 -33.12 10.83
C ALA C 64 -0.76 -33.24 10.35
N ILE C 65 0.18 -33.23 11.29
CA ILE C 65 1.59 -33.36 10.99
C ILE C 65 1.90 -34.74 10.43
N GLU C 66 2.50 -34.79 9.24
CA GLU C 66 2.95 -36.07 8.67
C GLU C 66 4.31 -36.48 9.26
N LYS C 67 5.22 -35.51 9.39
CA LYS C 67 6.54 -35.77 9.96
C LYS C 67 7.26 -34.48 10.37
N ILE C 68 8.24 -34.62 11.25
CA ILE C 68 9.10 -33.51 11.65
C ILE C 68 10.57 -33.94 11.55
N GLU C 69 11.37 -33.12 10.87
CA GLU C 69 12.78 -33.43 10.69
C GLU C 69 13.64 -32.35 11.31
N ARG C 70 14.70 -32.75 12.00
CA ARG C 70 15.70 -31.83 12.51
C ARG C 70 16.68 -31.53 11.40
N ILE C 71 16.93 -30.25 11.15
CA ILE C 71 17.89 -29.86 10.14
C ILE C 71 19.27 -29.68 10.76
N GLN C 72 20.19 -30.55 10.35
CA GLN C 72 21.56 -30.52 10.87
C GLN C 72 22.51 -29.96 9.82
N ASN C 73 22.55 -28.65 9.72
CA ASN C 73 23.42 -28.00 8.77
C ASN C 73 24.63 -27.37 9.46
N ALA C 74 25.77 -28.03 9.33
CA ALA C 74 27.00 -27.61 9.98
C ALA C 74 27.34 -26.15 9.72
N PHE C 75 27.41 -25.79 8.43
CA PHE C 75 27.85 -24.46 8.03
C PHE C 75 26.89 -23.33 8.43
N LEU C 76 25.60 -23.57 8.27
CA LEU C 76 24.59 -22.60 8.69
C LEU C 76 24.67 -22.35 10.17
N TRP C 77 24.83 -23.43 10.95
CA TRP C 77 24.89 -23.33 12.39
C TRP C 77 26.09 -22.49 12.81
N GLN C 78 27.23 -22.72 12.16
CA GLN C 78 28.44 -21.96 12.43
C GLN C 78 28.18 -20.48 12.23
N SER C 79 27.77 -20.14 11.02
CA SER C 79 27.51 -18.76 10.66
C SER C 79 26.48 -18.13 11.60
N TYR C 80 25.36 -18.83 11.80
CA TYR C 80 24.33 -18.37 12.72
C TYR C 80 24.86 -18.13 14.15
N GLN C 81 25.58 -19.10 14.69
CA GLN C 81 26.10 -18.99 16.06
C GLN C 81 27.08 -17.83 16.19
N VAL C 82 27.88 -17.56 15.15
CA VAL C 82 28.80 -16.45 15.18
C VAL C 82 28.03 -15.14 15.21
N LYS C 83 26.96 -15.05 14.42
CA LYS C 83 26.11 -13.86 14.44
C LYS C 83 25.44 -13.70 15.79
N LYS C 84 25.12 -14.82 16.42
CA LYS C 84 24.45 -14.84 17.72
C LYS C 84 25.37 -14.39 18.86
N ARG C 85 26.63 -14.77 18.79
CA ARG C 85 27.59 -14.35 19.79
C ARG C 85 27.82 -12.85 19.68
N GLN C 86 27.98 -12.37 18.46
CA GLN C 86 28.18 -10.95 18.19
C GLN C 86 27.01 -10.11 18.69
N MET C 87 25.79 -10.61 18.52
CA MET C 87 24.60 -9.88 18.94
C MET C 87 24.45 -9.84 20.45
N ASP C 88 24.76 -10.95 21.11
CA ASP C 88 24.73 -11.00 22.58
C ASP C 88 25.72 -9.99 23.16
N ILE C 89 26.86 -9.86 22.50
CA ILE C 89 27.89 -8.90 22.90
C ILE C 89 27.46 -7.45 22.65
N LYS C 90 26.91 -7.21 21.47
CA LYS C 90 26.52 -5.86 21.06
C LYS C 90 25.33 -5.34 21.86
N ASN C 91 24.43 -6.24 22.23
CA ASN C 91 23.19 -5.85 22.92
C ASN C 91 23.27 -5.99 24.44
N LYS C 94 20.65 -10.20 26.90
CA LYS C 94 20.96 -11.02 25.74
C LYS C 94 19.80 -11.95 25.39
N ASN C 95 18.59 -11.41 25.42
CA ASN C 95 17.40 -12.13 24.99
C ASN C 95 17.20 -11.85 23.52
N ASN C 96 17.99 -12.51 22.68
CA ASN C 96 18.12 -12.05 21.29
C ASN C 96 17.56 -12.99 20.21
N GLU C 97 17.19 -14.21 20.58
CA GLU C 97 16.67 -15.16 19.59
C GLU C 97 15.31 -15.70 19.98
N ARG C 98 14.47 -15.91 18.97
CA ARG C 98 13.15 -16.46 19.17
C ARG C 98 12.99 -17.70 18.32
N LEU C 99 12.01 -18.52 18.68
CA LEU C 99 11.62 -19.62 17.83
C LEU C 99 10.41 -19.16 17.03
N LEU C 100 10.58 -19.05 15.71
CA LEU C 100 9.53 -18.53 14.85
C LEU C 100 9.16 -19.57 13.80
N PHE C 101 8.19 -19.23 12.96
CA PHE C 101 7.71 -20.15 11.92
C PHE C 101 7.90 -19.54 10.54
N HIS C 102 8.16 -20.40 9.56
CA HIS C 102 8.29 -19.96 8.18
C HIS C 102 7.68 -20.99 7.22
N GLY C 103 6.61 -20.59 6.55
CA GLY C 103 5.95 -21.45 5.59
C GLY C 103 6.48 -21.18 4.20
N THR C 104 6.80 -22.24 3.46
CA THR C 104 7.28 -22.12 2.09
C THR C 104 6.74 -23.25 1.20
N ASP C 105 6.73 -23.00 -0.10
CA ASP C 105 6.35 -24.02 -1.07
C ASP C 105 7.35 -25.17 -1.06
N ALA C 106 7.00 -26.27 -1.71
CA ALA C 106 7.85 -27.45 -1.75
C ALA C 106 9.17 -27.18 -2.49
N ASP C 107 9.12 -26.29 -3.47
CA ASP C 107 10.28 -26.06 -4.34
C ASP C 107 11.41 -25.28 -3.69
N SER C 108 11.12 -24.62 -2.59
CA SER C 108 12.14 -23.82 -1.91
C SER C 108 12.78 -24.58 -0.75
N VAL C 109 12.17 -25.70 -0.38
CA VAL C 109 12.66 -26.52 0.71
C VAL C 109 14.11 -26.95 0.52
N PRO C 110 14.43 -27.57 -0.64
CA PRO C 110 15.80 -28.04 -0.82
C PRO C 110 16.80 -26.91 -0.62
N TYR C 111 16.52 -25.75 -1.20
CA TYR C 111 17.41 -24.60 -1.08
C TYR C 111 17.54 -24.15 0.38
N VAL C 112 16.42 -24.03 1.08
CA VAL C 112 16.47 -23.60 2.48
C VAL C 112 17.25 -24.57 3.36
N ASN C 113 17.05 -25.88 3.15
CA ASN C 113 17.76 -26.90 3.92
C ASN C 113 19.26 -26.68 3.83
N GLN C 114 19.75 -26.42 2.62
CA GLN C 114 21.17 -26.22 2.38
C GLN C 114 21.68 -24.83 2.78
N HIS C 115 20.99 -23.80 2.30
CA HIS C 115 21.52 -22.44 2.35
C HIS C 115 20.79 -21.53 3.32
N GLY C 116 19.61 -21.94 3.77
CA GLY C 116 18.84 -21.13 4.69
C GLY C 116 18.01 -20.09 3.96
N PHE C 117 17.70 -18.99 4.63
CA PHE C 117 16.77 -18.00 4.10
C PHE C 117 17.47 -16.85 3.38
N ASN C 118 16.96 -16.55 2.19
CA ASN C 118 17.51 -15.49 1.32
C ASN C 118 16.46 -14.41 1.07
N ARG C 119 16.82 -13.16 1.37
CA ARG C 119 15.90 -12.04 1.20
C ARG C 119 15.71 -11.68 -0.25
N SER C 120 16.72 -11.98 -1.06
CA SER C 120 16.68 -11.71 -2.50
C SER C 120 15.63 -12.55 -3.21
N CYS C 121 15.29 -13.70 -2.63
CA CYS C 121 14.28 -14.58 -3.20
C CYS C 121 12.99 -14.44 -2.41
N ALA C 122 13.05 -13.69 -1.32
CA ALA C 122 11.90 -13.53 -0.43
C ALA C 122 10.66 -13.08 -1.18
N GLY C 123 9.50 -13.57 -0.73
CA GLY C 123 8.24 -13.19 -1.34
C GLY C 123 7.67 -11.94 -0.68
N LYS C 124 6.90 -11.17 -1.45
CA LYS C 124 6.22 -10.00 -0.91
C LYS C 124 5.10 -10.47 0.02
N ASN C 125 5.16 -10.03 1.28
CA ASN C 125 4.14 -10.40 2.24
C ASN C 125 2.87 -9.59 2.01
N ALA C 126 1.71 -10.17 2.32
CA ALA C 126 0.45 -9.47 2.16
C ALA C 126 0.55 -8.05 2.71
N VAL C 127 1.00 -7.93 3.96
CA VAL C 127 1.33 -6.63 4.53
C VAL C 127 2.83 -6.56 4.80
N SER C 128 3.50 -5.66 4.10
CA SER C 128 4.96 -5.60 4.09
C SER C 128 5.53 -4.59 5.07
N TYR C 129 6.48 -5.04 5.89
CA TYR C 129 7.20 -4.16 6.81
C TYR C 129 8.67 -4.09 6.45
N GLY C 130 9.01 -4.42 5.21
CA GLY C 130 10.38 -4.38 4.75
C GLY C 130 10.65 -5.48 3.74
N LYS C 131 11.71 -5.34 2.98
CA LYS C 131 12.16 -6.38 2.06
C LYS C 131 13.20 -7.29 2.72
N GLY C 132 12.71 -8.38 3.31
CA GLY C 132 13.56 -9.34 3.98
C GLY C 132 12.83 -10.66 4.12
N THR C 133 13.36 -11.56 4.95
CA THR C 133 12.70 -12.85 5.19
C THR C 133 11.77 -12.74 6.38
N TYR C 134 10.53 -13.21 6.21
CA TYR C 134 9.51 -13.07 7.24
C TYR C 134 9.37 -14.34 8.08
N PHE C 135 9.06 -14.13 9.37
CA PHE C 135 8.87 -15.24 10.29
C PHE C 135 7.70 -14.93 11.20
N ALA C 136 6.83 -15.91 11.41
CA ALA C 136 5.62 -15.69 12.19
C ALA C 136 5.71 -16.26 13.60
N VAL C 137 5.09 -15.55 14.55
CA VAL C 137 5.01 -16.02 15.92
C VAL C 137 4.10 -17.24 16.03
N ASP C 138 2.98 -17.20 15.31
CA ASP C 138 2.00 -18.28 15.34
C ASP C 138 2.12 -19.18 14.12
N ALA C 139 2.04 -20.48 14.35
CA ALA C 139 2.08 -21.46 13.28
C ALA C 139 0.91 -21.29 12.33
N SER C 140 -0.19 -20.77 12.86
CA SER C 140 -1.41 -20.58 12.10
C SER C 140 -1.20 -19.62 10.94
N TYR C 141 -0.30 -18.67 11.14
CA TYR C 141 -0.02 -17.67 10.11
C TYR C 141 0.75 -18.27 8.93
N SER C 142 1.78 -19.05 9.24
CA SER C 142 2.60 -19.67 8.21
C SER C 142 1.89 -20.85 7.57
N ALA C 143 0.77 -21.26 8.13
CA ALA C 143 0.04 -22.41 7.63
C ALA C 143 -0.91 -22.06 6.49
N LYS C 144 -1.03 -20.76 6.19
CA LYS C 144 -1.85 -20.29 5.07
C LYS C 144 -1.27 -20.79 3.76
N ASP C 145 -2.12 -21.23 2.85
CA ASP C 145 -1.68 -21.79 1.58
C ASP C 145 -0.78 -20.83 0.81
N THR C 146 -0.98 -19.54 1.03
CA THR C 146 -0.20 -18.53 0.35
C THR C 146 1.28 -18.61 0.73
N TYR C 147 1.56 -19.16 1.91
CA TYR C 147 2.93 -19.36 2.37
C TYR C 147 3.35 -20.82 2.23
N SER C 148 2.85 -21.70 3.10
CA SER C 148 3.12 -23.13 2.97
C SER C 148 2.22 -23.74 1.90
N LYS C 149 2.44 -23.31 0.67
CA LYS C 149 1.70 -23.76 -0.51
C LYS C 149 1.72 -25.30 -0.63
N PRO C 150 0.53 -25.91 -0.77
CA PRO C 150 0.43 -27.36 -0.91
C PRO C 150 1.03 -27.84 -2.22
N ASP C 151 1.84 -28.90 -2.16
CA ASP C 151 2.35 -29.50 -3.39
C ASP C 151 1.28 -30.38 -4.02
N SER C 152 1.63 -31.06 -5.11
CA SER C 152 0.65 -31.84 -5.85
C SER C 152 0.03 -32.96 -5.02
N ASN C 153 0.70 -33.32 -3.93
CA ASN C 153 0.23 -34.40 -3.07
C ASN C 153 -0.54 -33.89 -1.84
N GLY C 154 -0.52 -32.58 -1.64
CA GLY C 154 -1.26 -31.98 -0.54
C GLY C 154 -0.38 -31.65 0.65
N ARG C 155 0.92 -31.83 0.49
CA ARG C 155 1.86 -31.58 1.57
C ARG C 155 2.16 -30.10 1.72
N LYS C 156 2.05 -29.61 2.95
CA LYS C 156 2.44 -28.24 3.28
C LYS C 156 3.68 -28.30 4.14
N HIS C 157 4.58 -27.34 3.94
CA HIS C 157 5.84 -27.32 4.67
C HIS C 157 6.03 -26.01 5.40
N MET C 158 6.42 -26.09 6.66
CA MET C 158 6.95 -24.92 7.33
C MET C 158 8.17 -25.24 8.19
N TYR C 159 9.00 -24.23 8.39
CA TYR C 159 10.19 -24.40 9.20
C TYR C 159 9.98 -23.84 10.59
N VAL C 160 10.57 -24.50 11.58
CA VAL C 160 10.69 -23.94 12.90
C VAL C 160 12.10 -23.36 12.96
N VAL C 161 12.18 -22.05 13.19
CA VAL C 161 13.42 -21.35 12.98
C VAL C 161 13.91 -20.62 14.23
N ARG C 162 15.22 -20.66 14.46
CA ARG C 162 15.84 -19.73 15.41
C ARG C 162 16.12 -18.44 14.66
N VAL C 163 15.45 -17.36 15.04
CA VAL C 163 15.64 -16.08 14.38
C VAL C 163 16.26 -15.09 15.36
N LEU C 164 17.32 -14.42 14.92
CA LEU C 164 17.96 -13.41 15.77
C LEU C 164 17.21 -12.10 15.63
N THR C 165 16.16 -11.94 16.44
CA THR C 165 15.33 -10.76 16.39
C THR C 165 15.98 -9.61 17.16
N GLY C 166 16.71 -9.95 18.22
CA GLY C 166 17.41 -8.96 19.03
C GLY C 166 16.52 -7.80 19.43
N VAL C 167 17.02 -6.58 19.23
CA VAL C 167 16.24 -5.38 19.46
C VAL C 167 15.52 -4.98 18.16
N PHE C 168 14.21 -4.78 18.27
CA PHE C 168 13.42 -4.55 17.07
C PHE C 168 12.57 -3.28 17.14
N THR C 169 12.07 -2.87 15.98
CA THR C 169 11.23 -1.69 15.84
C THR C 169 10.08 -2.07 14.92
N LYS C 170 9.05 -1.25 14.84
CA LYS C 170 8.02 -1.46 13.82
C LYS C 170 8.62 -1.16 12.45
N GLY C 171 8.33 -2.03 11.48
CA GLY C 171 8.90 -1.88 10.16
C GLY C 171 8.05 -1.05 9.20
N ARG C 172 8.63 -0.72 8.06
CA ARG C 172 7.92 -0.10 6.94
C ARG C 172 8.38 -0.69 5.61
N ALA C 173 7.48 -0.73 4.63
CA ALA C 173 7.68 -1.47 3.39
C ALA C 173 8.94 -1.11 2.62
N GLY C 174 9.40 0.13 2.79
CA GLY C 174 10.54 0.63 2.03
C GLY C 174 11.88 0.08 2.48
N LEU C 175 11.86 -0.75 3.52
CA LEU C 175 13.11 -1.20 4.16
C LEU C 175 13.85 -2.31 3.42
N VAL C 176 15.14 -2.11 3.19
CA VAL C 176 16.01 -3.13 2.64
C VAL C 176 17.08 -3.53 3.66
N THR C 177 17.29 -2.66 4.64
CA THR C 177 18.02 -3.01 5.86
C THR C 177 17.21 -2.49 7.05
N PRO C 178 17.57 -2.91 8.27
CA PRO C 178 16.85 -2.36 9.41
C PRO C 178 17.09 -0.86 9.53
N PRO C 179 16.18 -0.15 10.23
CA PRO C 179 16.35 1.28 10.43
C PRO C 179 17.33 1.51 11.55
N PRO C 180 18.04 2.65 11.53
CA PRO C 180 18.89 3.07 12.64
C PRO C 180 18.08 3.18 13.93
N LYS C 181 18.73 2.98 15.07
CA LYS C 181 18.10 3.27 16.35
C LYS C 181 18.05 4.77 16.51
N ASN C 182 18.98 5.44 15.82
CA ASN C 182 19.14 6.87 15.92
C ASN C 182 19.43 7.47 14.54
N PRO C 183 18.63 8.47 14.14
CA PRO C 183 18.75 9.10 12.82
C PRO C 183 20.16 9.59 12.56
N HIS C 184 20.79 10.10 13.61
CA HIS C 184 22.05 10.79 13.49
C HIS C 184 23.26 9.88 13.67
N ASN C 185 22.98 8.59 13.86
CA ASN C 185 24.00 7.56 13.80
C ASN C 185 23.47 6.39 12.97
N PRO C 186 23.36 6.61 11.65
CA PRO C 186 22.71 5.72 10.69
C PRO C 186 23.31 4.31 10.59
N THR C 187 24.45 4.06 11.22
CA THR C 187 25.09 2.74 11.14
C THR C 187 24.73 1.84 12.32
N ASP C 188 24.29 2.45 13.42
CA ASP C 188 23.85 1.67 14.57
C ASP C 188 22.40 1.26 14.35
N LEU C 189 22.21 0.08 13.77
CA LEU C 189 20.89 -0.35 13.31
C LEU C 189 20.14 -1.18 14.34
N PHE C 190 18.84 -1.30 14.14
CA PHE C 190 18.04 -2.29 14.85
C PHE C 190 18.43 -3.66 14.30
N ASP C 191 18.05 -4.71 15.01
CA ASP C 191 18.43 -6.05 14.59
C ASP C 191 17.36 -6.65 13.67
N SER C 192 16.10 -6.30 13.92
CA SER C 192 15.00 -6.71 13.07
C SER C 192 13.85 -5.72 13.17
N VAL C 193 12.79 -5.97 12.40
CA VAL C 193 11.58 -5.15 12.47
C VAL C 193 10.37 -6.05 12.69
N THR C 194 9.31 -5.47 13.22
CA THR C 194 8.09 -6.22 13.50
C THR C 194 6.87 -5.46 12.99
N ASN C 195 5.70 -6.09 13.07
CA ASN C 195 4.47 -5.44 12.64
C ASN C 195 3.92 -4.55 13.74
N ASN C 196 4.17 -4.96 14.98
CA ASN C 196 3.66 -4.27 16.16
C ASN C 196 4.56 -4.57 17.34
N THR C 197 5.27 -3.56 17.83
CA THR C 197 6.27 -3.77 18.87
C THR C 197 5.68 -4.26 20.20
N ARG C 198 4.51 -3.74 20.57
CA ARG C 198 3.92 -4.07 21.86
C ARG C 198 3.14 -5.38 21.80
N SER C 199 3.07 -5.98 20.62
CA SER C 199 2.42 -7.28 20.45
C SER C 199 2.82 -7.92 19.12
N PRO C 200 4.11 -8.32 19.01
CA PRO C 200 4.71 -8.89 17.81
C PRO C 200 4.06 -10.18 17.31
N LYS C 201 3.91 -10.29 15.99
CA LYS C 201 3.23 -11.42 15.36
C LYS C 201 4.07 -11.91 14.18
N LEU C 202 4.85 -10.99 13.60
CA LEU C 202 5.88 -11.40 12.65
C LEU C 202 7.13 -10.53 12.71
N PHE C 203 8.25 -11.15 12.37
CA PHE C 203 9.54 -10.47 12.37
C PHE C 203 10.17 -10.55 10.98
N VAL C 204 10.91 -9.52 10.61
CA VAL C 204 11.60 -9.46 9.34
C VAL C 204 13.09 -9.28 9.63
N VAL C 205 13.92 -10.13 9.02
CA VAL C 205 15.36 -9.98 9.15
C VAL C 205 15.95 -9.72 7.78
N PHE C 206 16.99 -8.90 7.73
CA PHE C 206 17.50 -8.42 6.45
C PHE C 206 18.92 -8.90 6.17
N PHE C 207 19.42 -9.81 7.00
CA PHE C 207 20.79 -10.30 6.82
C PHE C 207 20.92 -11.83 6.77
N ASP C 208 22.01 -12.28 6.14
CA ASP C 208 22.11 -13.59 5.52
C ASP C 208 22.22 -14.80 6.44
N ASN C 209 22.71 -14.60 7.66
CA ASN C 209 22.82 -15.71 8.59
C ASN C 209 22.20 -15.35 9.93
N GLN C 210 20.97 -14.86 9.88
CA GLN C 210 20.29 -14.37 11.08
C GLN C 210 19.14 -15.29 11.46
N ALA C 211 18.95 -16.33 10.65
CA ALA C 211 17.95 -17.36 10.92
C ALA C 211 18.52 -18.74 10.66
N TYR C 212 18.35 -19.65 11.62
CA TYR C 212 18.74 -21.04 11.40
C TYR C 212 17.51 -21.93 11.36
N PRO C 213 17.21 -22.51 10.18
CA PRO C 213 16.08 -23.43 10.08
C PRO C 213 16.41 -24.66 10.92
N GLU C 214 15.67 -24.89 12.00
CA GLU C 214 16.01 -26.00 12.89
C GLU C 214 15.20 -27.28 12.61
N TYR C 215 13.92 -27.11 12.32
CA TYR C 215 13.07 -28.26 11.98
C TYR C 215 12.22 -27.97 10.74
N LEU C 216 11.86 -29.03 10.03
CA LEU C 216 10.96 -28.94 8.91
C LEU C 216 9.70 -29.75 9.19
N ILE C 217 8.56 -29.05 9.25
CA ILE C 217 7.29 -29.72 9.50
C ILE C 217 6.56 -29.97 8.19
N THR C 218 6.39 -31.23 7.84
CA THR C 218 5.49 -31.60 6.76
C THR C 218 4.14 -31.97 7.38
N PHE C 219 3.07 -31.38 6.86
CA PHE C 219 1.73 -31.61 7.40
C PHE C 219 0.69 -31.56 6.29
N THR C 220 -0.52 -31.96 6.61
CA THR C 220 -1.61 -32.00 5.65
C THR C 220 -2.91 -31.53 6.28
N ALA C 221 -3.97 -31.51 5.50
CA ALA C 221 -5.29 -31.16 6.00
C ALA C 221 -6.00 -32.37 6.61
N ASN D 24 -25.94 -9.07 -7.90
CA ASN D 24 -26.11 -7.75 -7.30
C ASN D 24 -24.75 -7.16 -6.92
N LEU D 25 -23.96 -7.95 -6.20
CA LEU D 25 -22.61 -7.55 -5.88
C LEU D 25 -21.66 -8.40 -6.71
N PRO D 26 -20.47 -7.87 -7.01
CA PRO D 26 -19.51 -8.60 -7.84
C PRO D 26 -19.30 -10.03 -7.33
N GLU D 27 -19.29 -11.01 -8.24
CA GLU D 27 -19.15 -12.40 -7.82
C GLU D 27 -17.72 -12.76 -7.43
N HIS D 28 -16.79 -11.81 -7.54
CA HIS D 28 -15.42 -12.06 -7.17
C HIS D 28 -15.12 -11.48 -5.79
N TRP D 29 -16.17 -10.99 -5.13
CA TRP D 29 -16.03 -10.38 -3.82
C TRP D 29 -16.07 -11.46 -2.73
N THR D 30 -15.33 -11.23 -1.64
CA THR D 30 -15.40 -12.14 -0.51
C THR D 30 -16.76 -12.02 0.12
N ASP D 31 -17.29 -13.12 0.66
CA ASP D 31 -18.49 -13.03 1.46
C ASP D 31 -18.30 -11.91 2.45
N MET D 32 -19.39 -11.21 2.75
CA MET D 32 -19.37 -10.12 3.70
C MET D 32 -20.50 -10.36 4.67
N ASN D 33 -20.90 -11.60 4.80
CA ASN D 33 -22.14 -11.95 5.50
C ASN D 33 -22.56 -11.01 6.62
N HIS D 34 -23.73 -10.39 6.42
CA HIS D 34 -24.32 -9.45 7.36
C HIS D 34 -23.63 -8.07 7.29
N GLN D 35 -22.45 -8.02 6.68
CA GLN D 35 -21.74 -6.77 6.49
C GLN D 35 -22.24 -6.04 5.25
N LEU D 36 -22.47 -4.75 5.38
CA LEU D 36 -22.76 -3.91 4.23
C LEU D 36 -21.44 -3.44 3.64
N PHE D 37 -20.35 -3.82 4.28
CA PHE D 37 -19.05 -3.26 3.97
C PHE D 37 -17.93 -4.05 4.65
N CYS D 38 -16.76 -4.11 3.99
CA CYS D 38 -15.58 -4.73 4.57
C CYS D 38 -14.34 -4.47 3.71
N MET D 39 -13.18 -4.39 4.36
CA MET D 39 -11.91 -4.23 3.65
C MET D 39 -11.25 -5.59 3.51
N VAL D 40 -10.95 -5.97 2.28
CA VAL D 40 -10.35 -7.27 2.01
C VAL D 40 -8.89 -7.16 1.60
N GLN D 41 -7.98 -7.65 2.44
CA GLN D 41 -6.55 -7.55 2.17
C GLN D 41 -6.11 -8.54 1.09
N LEU D 42 -5.39 -8.04 0.08
CA LEU D 42 -5.05 -8.83 -1.09
C LEU D 42 -3.70 -9.51 -0.98
N GLU D 43 -3.57 -10.64 -1.66
CA GLU D 43 -2.35 -11.44 -1.62
C GLU D 43 -1.46 -11.14 -2.83
N PRO D 44 -0.23 -10.69 -2.57
CA PRO D 44 0.76 -10.51 -3.64
C PRO D 44 0.92 -11.78 -4.46
N GLY D 45 1.42 -11.64 -5.69
CA GLY D 45 1.56 -12.77 -6.58
C GLY D 45 0.28 -13.00 -7.34
N GLN D 46 -0.80 -12.39 -6.85
CA GLN D 46 -2.09 -12.49 -7.51
C GLN D 46 -2.23 -11.41 -8.58
N SER D 47 -2.88 -11.79 -9.68
CA SER D 47 -3.17 -10.85 -10.74
C SER D 47 -3.80 -9.58 -10.17
N GLU D 48 -4.81 -9.76 -9.32
CA GLU D 48 -5.49 -8.64 -8.71
C GLU D 48 -4.52 -7.71 -7.98
N TYR D 49 -3.73 -8.25 -7.05
CA TYR D 49 -2.74 -7.46 -6.33
C TYR D 49 -1.70 -6.91 -7.31
N ASN D 50 -1.13 -7.79 -8.12
CA ASN D 50 -0.03 -7.43 -9.01
C ASN D 50 -0.36 -6.33 -10.00
N THR D 51 -1.54 -6.42 -10.60
CA THR D 51 -1.97 -5.41 -11.57
C THR D 51 -2.07 -4.02 -10.94
N ILE D 52 -2.70 -3.95 -9.77
CA ILE D 52 -2.80 -2.69 -9.05
C ILE D 52 -1.41 -2.19 -8.67
N LYS D 53 -0.53 -3.11 -8.32
CA LYS D 53 0.86 -2.76 -8.02
C LYS D 53 1.58 -2.24 -9.25
N ASP D 54 1.27 -2.83 -10.41
CA ASP D 54 1.90 -2.44 -11.66
C ASP D 54 1.47 -1.05 -12.11
N LYS D 55 0.19 -0.74 -11.91
CA LYS D 55 -0.34 0.57 -12.27
C LYS D 55 0.21 1.64 -11.34
N PHE D 56 0.49 1.25 -10.09
CA PHE D 56 1.04 2.15 -9.10
C PHE D 56 2.53 2.42 -9.36
N THR D 57 3.31 1.34 -9.44
CA THR D 57 4.75 1.44 -9.65
C THR D 57 5.07 2.04 -11.02
N ARG D 58 4.09 2.02 -11.93
CA ARG D 58 4.27 2.58 -13.26
C ARG D 58 4.80 4.00 -13.19
N THR D 59 4.47 4.72 -12.11
CA THR D 59 4.97 6.09 -11.91
C THR D 59 5.49 6.32 -10.50
N CYS D 60 5.33 5.32 -9.62
CA CYS D 60 5.77 5.44 -8.23
C CYS D 60 6.73 4.32 -7.84
N SER D 61 7.65 3.99 -8.74
CA SER D 61 8.55 2.86 -8.53
C SER D 61 9.50 3.05 -7.33
N SER D 62 9.56 4.28 -6.85
CA SER D 62 10.45 4.60 -5.73
C SER D 62 9.80 4.38 -4.35
N TYR D 63 8.49 4.18 -4.33
CA TYR D 63 7.77 3.91 -3.09
C TYR D 63 7.59 2.42 -2.91
N ALA D 64 7.40 2.01 -1.66
CA ALA D 64 7.16 0.60 -1.36
C ALA D 64 5.74 0.37 -0.86
N ILE D 65 5.05 -0.59 -1.46
CA ILE D 65 3.68 -0.89 -1.06
C ILE D 65 3.64 -1.78 0.18
N GLU D 66 3.03 -1.25 1.24
CA GLU D 66 2.80 -2.02 2.46
C GLU D 66 1.72 -3.07 2.22
N LYS D 67 0.54 -2.62 1.81
CA LYS D 67 -0.57 -3.52 1.53
C LYS D 67 -1.59 -2.92 0.57
N ILE D 68 -2.36 -3.81 -0.07
CA ILE D 68 -3.46 -3.41 -0.94
C ILE D 68 -4.75 -4.08 -0.46
N GLU D 69 -5.76 -3.27 -0.17
CA GLU D 69 -7.04 -3.79 0.27
C GLU D 69 -8.13 -3.48 -0.75
N ARG D 70 -8.92 -4.50 -1.09
CA ARG D 70 -10.10 -4.32 -1.93
C ARG D 70 -11.21 -3.74 -1.08
N ILE D 71 -11.90 -2.73 -1.59
CA ILE D 71 -13.00 -2.13 -0.84
C ILE D 71 -14.32 -2.72 -1.29
N GLN D 72 -14.98 -3.41 -0.37
CA GLN D 72 -16.26 -4.05 -0.67
C GLN D 72 -17.38 -3.31 0.03
N ASN D 73 -17.85 -2.24 -0.60
CA ASN D 73 -18.94 -1.46 -0.04
C ASN D 73 -20.20 -1.70 -0.86
N ALA D 74 -21.12 -2.47 -0.28
CA ALA D 74 -22.34 -2.86 -0.98
C ALA D 74 -23.16 -1.67 -1.51
N PHE D 75 -23.36 -0.68 -0.64
CA PHE D 75 -24.18 0.50 -0.98
C PHE D 75 -23.52 1.44 -1.97
N LEU D 76 -22.26 1.78 -1.75
CA LEU D 76 -21.54 2.64 -2.69
C LEU D 76 -21.53 2.01 -4.08
N TRP D 77 -21.37 0.70 -4.12
CA TRP D 77 -21.34 -0.04 -5.37
C TRP D 77 -22.68 0.02 -6.12
N GLN D 78 -23.77 -0.18 -5.39
CA GLN D 78 -25.10 -0.15 -5.96
C GLN D 78 -25.39 1.21 -6.59
N SER D 79 -25.17 2.25 -5.81
CA SER D 79 -25.41 3.61 -6.26
C SER D 79 -24.54 3.92 -7.46
N TYR D 80 -23.24 3.66 -7.33
CA TYR D 80 -22.32 3.92 -8.43
C TYR D 80 -22.76 3.22 -9.72
N GLN D 81 -23.16 1.95 -9.61
CA GLN D 81 -23.52 1.17 -10.79
C GLN D 81 -24.80 1.67 -11.44
N VAL D 82 -25.74 2.13 -10.62
CA VAL D 82 -26.95 2.77 -11.13
C VAL D 82 -26.56 4.02 -11.88
N LYS D 83 -25.62 4.77 -11.31
CA LYS D 83 -25.13 5.99 -11.95
C LYS D 83 -24.36 5.69 -13.23
N LYS D 84 -23.73 4.53 -13.29
CA LYS D 84 -22.95 4.15 -14.45
C LYS D 84 -23.86 3.67 -15.57
N ARG D 85 -24.90 2.94 -15.17
CA ARG D 85 -25.91 2.45 -16.08
C ARG D 85 -26.52 3.65 -16.80
N GLN D 86 -26.79 4.70 -16.03
CA GLN D 86 -27.45 5.90 -16.53
C GLN D 86 -26.58 6.72 -17.49
N MET D 87 -25.27 6.68 -17.28
CA MET D 87 -24.35 7.44 -18.10
C MET D 87 -23.99 6.69 -19.38
N ASP D 88 -24.15 5.37 -19.35
CA ASP D 88 -23.94 4.56 -20.55
C ASP D 88 -25.12 4.75 -21.50
N ILE D 89 -26.30 4.95 -20.94
CA ILE D 89 -27.52 5.19 -21.74
C ILE D 89 -27.54 6.61 -22.29
N LYS D 90 -27.19 7.57 -21.45
CA LYS D 90 -27.25 8.97 -21.81
C LYS D 90 -26.23 9.30 -22.89
N ASN D 91 -25.08 8.65 -22.83
CA ASN D 91 -23.96 8.94 -23.73
C ASN D 91 -23.89 7.93 -24.88
N ASN D 95 -17.78 4.33 -23.00
CA ASN D 95 -16.45 4.57 -22.46
C ASN D 95 -16.48 5.67 -21.40
N ASN D 96 -17.22 5.43 -20.34
CA ASN D 96 -17.48 6.47 -19.35
C ASN D 96 -16.69 6.30 -18.04
N GLU D 97 -15.98 5.18 -17.91
CA GLU D 97 -15.29 4.86 -16.66
C GLU D 97 -13.78 4.91 -16.79
N ARG D 98 -13.13 5.55 -15.83
CA ARG D 98 -11.66 5.61 -15.76
C ARG D 98 -11.21 5.07 -14.42
N LEU D 99 -10.07 4.39 -14.41
CA LEU D 99 -9.50 3.91 -13.16
C LEU D 99 -8.40 4.88 -12.69
N LEU D 100 -8.72 5.70 -11.69
CA LEU D 100 -7.87 6.83 -11.33
C LEU D 100 -7.39 6.75 -9.89
N PHE D 101 -6.49 7.65 -9.50
CA PHE D 101 -5.89 7.64 -8.17
C PHE D 101 -6.39 8.80 -7.29
N HIS D 102 -6.55 8.52 -6.01
CA HIS D 102 -6.90 9.54 -5.05
C HIS D 102 -6.11 9.37 -3.75
N GLY D 103 -5.17 10.26 -3.50
CA GLY D 103 -4.38 10.24 -2.28
C GLY D 103 -5.04 11.11 -1.23
N THR D 104 -5.20 10.55 -0.03
CA THR D 104 -5.78 11.28 1.10
C THR D 104 -5.00 11.07 2.39
N ASP D 105 -5.28 11.87 3.40
CA ASP D 105 -4.68 11.70 4.72
C ASP D 105 -5.27 10.46 5.37
N ALA D 106 -4.64 10.00 6.44
CA ALA D 106 -5.12 8.81 7.13
C ALA D 106 -6.51 9.07 7.72
N ASP D 107 -6.75 10.30 8.15
CA ASP D 107 -7.97 10.63 8.87
C ASP D 107 -9.21 10.58 7.97
N SER D 108 -9.03 10.71 6.66
CA SER D 108 -10.15 10.70 5.73
C SER D 108 -10.48 9.28 5.24
N VAL D 109 -9.57 8.35 5.48
CA VAL D 109 -9.74 6.96 5.05
C VAL D 109 -11.03 6.31 5.58
N PRO D 110 -11.23 6.33 6.91
CA PRO D 110 -12.44 5.71 7.44
C PRO D 110 -13.71 6.23 6.77
N TYR D 111 -13.86 7.55 6.64
CA TYR D 111 -15.05 8.13 6.04
C TYR D 111 -15.24 7.71 4.57
N VAL D 112 -14.14 7.74 3.81
CA VAL D 112 -14.20 7.41 2.38
C VAL D 112 -14.51 5.92 2.15
N ASN D 113 -14.09 5.09 3.10
CA ASN D 113 -14.40 3.67 3.01
C ASN D 113 -15.92 3.45 3.07
N GLN D 114 -16.56 4.09 4.04
CA GLN D 114 -18.01 3.94 4.23
C GLN D 114 -18.80 4.74 3.20
N HIS D 115 -18.39 5.99 2.97
CA HIS D 115 -19.24 6.95 2.29
C HIS D 115 -18.72 7.43 0.93
N GLY D 116 -17.47 7.12 0.62
CA GLY D 116 -16.91 7.53 -0.66
C GLY D 116 -16.41 8.96 -0.63
N PHE D 117 -16.40 9.61 -1.79
CA PHE D 117 -15.80 10.92 -1.92
C PHE D 117 -16.82 12.05 -1.86
N ASN D 118 -16.55 13.04 -1.02
CA ASN D 118 -17.43 14.19 -0.82
C ASN D 118 -16.79 15.48 -1.29
N ARG D 119 -17.48 16.23 -2.16
CA ARG D 119 -16.95 17.47 -2.70
C ARG D 119 -17.05 18.62 -1.71
N SER D 120 -17.93 18.46 -0.72
CA SER D 120 -18.08 19.45 0.35
C SER D 120 -16.90 19.42 1.34
N CYS D 121 -16.19 18.29 1.38
CA CYS D 121 -15.04 18.14 2.25
C CYS D 121 -13.77 18.15 1.41
N ALA D 122 -13.95 18.23 0.10
CA ALA D 122 -12.84 18.20 -0.84
C ALA D 122 -11.84 19.34 -0.60
N GLY D 123 -10.55 19.02 -0.73
CA GLY D 123 -9.51 20.01 -0.54
C GLY D 123 -9.21 20.80 -1.80
N LYS D 124 -8.86 22.07 -1.61
CA LYS D 124 -8.44 22.92 -2.71
C LYS D 124 -7.22 22.30 -3.38
N ASN D 125 -7.29 22.09 -4.69
CA ASN D 125 -6.14 21.58 -5.42
C ASN D 125 -5.17 22.71 -5.72
N ALA D 126 -3.89 22.37 -5.87
CA ALA D 126 -2.86 23.38 -6.14
C ALA D 126 -3.25 24.24 -7.34
N VAL D 127 -3.65 23.58 -8.43
CA VAL D 127 -4.27 24.30 -9.54
C VAL D 127 -5.72 23.81 -9.70
N SER D 128 -6.66 24.73 -9.55
CA SER D 128 -8.08 24.38 -9.39
C SER D 128 -8.88 24.46 -10.67
N TYR D 129 -9.54 23.35 -11.04
CA TYR D 129 -10.43 23.33 -12.20
C TYR D 129 -11.89 23.12 -11.81
N GLY D 130 -12.20 23.45 -10.56
CA GLY D 130 -13.57 23.36 -10.07
C GLY D 130 -13.63 22.89 -8.62
N LYS D 131 -14.80 23.04 -8.03
CA LYS D 131 -15.04 22.60 -6.66
C LYS D 131 -15.73 21.23 -6.64
N GLY D 132 -14.93 20.19 -6.73
CA GLY D 132 -15.41 18.81 -6.65
C GLY D 132 -14.28 17.93 -6.16
N THR D 133 -14.44 16.62 -6.28
CA THR D 133 -13.37 15.71 -5.88
C THR D 133 -12.43 15.43 -7.05
N TYR D 134 -11.13 15.47 -6.77
CA TYR D 134 -10.09 15.31 -7.80
C TYR D 134 -9.55 13.88 -7.85
N PHE D 135 -9.16 13.45 -9.05
CA PHE D 135 -8.58 12.13 -9.27
C PHE D 135 -7.47 12.21 -10.30
N ALA D 136 -6.36 11.53 -10.04
CA ALA D 136 -5.19 11.62 -10.91
C ALA D 136 -5.07 10.46 -11.90
N VAL D 137 -4.51 10.76 -13.07
CA VAL D 137 -4.20 9.71 -14.04
C VAL D 137 -3.00 8.91 -13.56
N ASP D 138 -1.98 9.63 -13.12
CA ASP D 138 -0.75 9.02 -12.62
C ASP D 138 -0.78 8.92 -11.11
N ALA D 139 -0.27 7.81 -10.59
CA ALA D 139 -0.16 7.59 -9.15
C ALA D 139 0.87 8.55 -8.56
N SER D 140 1.85 8.91 -9.37
CA SER D 140 2.91 9.82 -8.96
C SER D 140 2.32 11.11 -8.44
N TYR D 141 1.23 11.55 -9.04
CA TYR D 141 0.59 12.80 -8.64
C TYR D 141 -0.03 12.70 -7.25
N SER D 142 -0.83 11.66 -7.03
CA SER D 142 -1.50 11.48 -5.76
C SER D 142 -0.51 11.14 -4.64
N ALA D 143 0.68 10.71 -5.02
CA ALA D 143 1.67 10.27 -4.05
C ALA D 143 2.37 11.43 -3.35
N LYS D 144 2.06 12.66 -3.78
CA LYS D 144 2.64 13.85 -3.18
C LYS D 144 2.12 14.03 -1.76
N ASP D 145 3.02 14.34 -0.83
CA ASP D 145 2.66 14.43 0.58
C ASP D 145 1.44 15.33 0.81
N THR D 146 1.28 16.32 -0.05
CA THR D 146 0.15 17.24 0.04
C THR D 146 -1.20 16.54 -0.11
N TYR D 147 -1.20 15.37 -0.73
CA TYR D 147 -2.43 14.58 -0.92
C TYR D 147 -2.46 13.35 -0.01
N SER D 148 -1.59 12.38 -0.31
CA SER D 148 -1.45 11.21 0.54
C SER D 148 -0.52 11.50 1.71
N LYS D 149 -0.97 12.43 2.56
CA LYS D 149 -0.21 12.90 3.72
C LYS D 149 0.22 11.76 4.66
N PRO D 150 1.53 11.66 4.94
CA PRO D 150 2.04 10.60 5.83
C PRO D 150 1.48 10.75 7.23
N ASP D 151 0.95 9.67 7.79
CA ASP D 151 0.55 9.68 9.19
C ASP D 151 1.80 9.64 10.09
N SER D 152 1.58 9.53 11.39
CA SER D 152 2.69 9.58 12.35
C SER D 152 3.65 8.42 12.18
N ASN D 153 3.16 7.33 11.58
CA ASN D 153 3.99 6.15 11.34
C ASN D 153 4.69 6.15 9.99
N GLY D 154 4.40 7.18 9.18
CA GLY D 154 5.06 7.34 7.90
C GLY D 154 4.31 6.69 6.75
N ARG D 155 3.13 6.16 7.05
CA ARG D 155 2.31 5.55 6.02
C ARG D 155 1.60 6.60 5.18
N LYS D 156 1.52 6.34 3.87
CA LYS D 156 0.77 7.19 2.97
C LYS D 156 -0.38 6.38 2.38
N HIS D 157 -1.45 7.05 2.00
CA HIS D 157 -2.66 6.38 1.54
C HIS D 157 -3.16 6.95 0.22
N MET D 158 -3.50 6.07 -0.72
CA MET D 158 -4.19 6.48 -1.93
C MET D 158 -5.16 5.41 -2.38
N TYR D 159 -6.28 5.85 -2.93
CA TYR D 159 -7.30 4.93 -3.43
C TYR D 159 -7.13 4.69 -4.91
N VAL D 160 -7.48 3.50 -5.36
CA VAL D 160 -7.69 3.22 -6.77
C VAL D 160 -9.19 3.30 -6.99
N VAL D 161 -9.61 4.20 -7.87
CA VAL D 161 -11.03 4.54 -7.99
C VAL D 161 -11.57 4.31 -9.39
N ARG D 162 -12.76 3.73 -9.48
CA ARG D 162 -13.51 3.70 -10.73
C ARG D 162 -14.31 4.98 -10.83
N VAL D 163 -13.87 5.90 -11.67
CA VAL D 163 -14.48 7.24 -11.76
C VAL D 163 -15.24 7.45 -13.07
N LEU D 164 -16.49 7.87 -12.96
CA LEU D 164 -17.32 8.10 -14.14
C LEU D 164 -17.01 9.43 -14.78
N THR D 165 -15.95 9.45 -15.60
CA THR D 165 -15.52 10.67 -16.27
C THR D 165 -16.42 11.01 -17.47
N GLY D 166 -16.90 9.97 -18.16
CA GLY D 166 -17.78 10.15 -19.31
C GLY D 166 -17.25 11.13 -20.34
N VAL D 167 -18.08 12.08 -20.74
CA VAL D 167 -17.65 13.14 -21.65
C VAL D 167 -17.21 14.35 -20.85
N PHE D 168 -16.02 14.84 -21.14
CA PHE D 168 -15.43 15.87 -20.29
C PHE D 168 -14.92 17.07 -21.08
N THR D 169 -14.71 18.18 -20.37
CA THR D 169 -14.13 19.38 -20.96
C THR D 169 -13.09 19.92 -19.98
N LYS D 170 -12.26 20.86 -20.43
CA LYS D 170 -11.33 21.53 -19.53
C LYS D 170 -12.12 22.31 -18.48
N GLY D 171 -11.70 22.22 -17.24
CA GLY D 171 -12.40 22.88 -16.17
C GLY D 171 -11.90 24.30 -15.93
N ARG D 172 -12.36 24.89 -14.83
CA ARG D 172 -11.90 26.20 -14.39
C ARG D 172 -12.37 26.38 -12.95
N ALA D 173 -11.59 27.10 -12.15
CA ALA D 173 -11.95 27.33 -10.75
C ALA D 173 -13.35 27.92 -10.65
N GLY D 174 -14.00 27.72 -9.52
CA GLY D 174 -15.31 28.32 -9.31
C GLY D 174 -16.46 27.52 -9.91
N LEU D 175 -16.13 26.42 -10.58
CA LEU D 175 -17.14 25.47 -11.01
C LEU D 175 -17.67 24.73 -9.79
N VAL D 176 -18.99 24.71 -9.63
CA VAL D 176 -19.62 23.96 -8.57
C VAL D 176 -20.39 22.76 -9.14
N THR D 177 -20.61 22.82 -10.45
CA THR D 177 -21.13 21.70 -11.23
C THR D 177 -20.40 21.67 -12.58
N PRO D 178 -20.56 20.60 -13.35
CA PRO D 178 -19.98 20.60 -14.70
C PRO D 178 -20.66 21.63 -15.59
N PRO D 179 -19.91 22.21 -16.55
CA PRO D 179 -20.51 23.20 -17.44
C PRO D 179 -21.47 22.51 -18.39
N PRO D 180 -22.40 23.27 -18.99
CA PRO D 180 -23.31 22.69 -19.97
C PRO D 180 -22.57 22.40 -21.27
N LYS D 181 -22.89 21.30 -21.92
CA LYS D 181 -22.31 21.01 -23.24
C LYS D 181 -22.62 22.19 -24.18
N ASN D 182 -23.80 22.79 -23.99
CA ASN D 182 -24.24 23.96 -24.78
C ASN D 182 -24.81 25.05 -23.88
N PRO D 183 -24.27 26.27 -23.98
CA PRO D 183 -24.64 27.44 -23.17
C PRO D 183 -26.15 27.69 -23.09
N HIS D 184 -26.88 27.33 -24.15
CA HIS D 184 -28.29 27.66 -24.28
C HIS D 184 -29.21 26.53 -23.87
N ASN D 185 -28.62 25.38 -23.58
CA ASN D 185 -29.32 24.27 -22.94
C ASN D 185 -28.57 23.93 -21.65
N PRO D 186 -28.68 24.81 -20.65
CA PRO D 186 -27.85 24.80 -19.44
C PRO D 186 -28.00 23.55 -18.57
N THR D 187 -28.95 22.68 -18.87
CA THR D 187 -29.15 21.49 -18.05
C THR D 187 -28.43 20.25 -18.60
N ASP D 188 -28.11 20.28 -19.89
CA ASP D 188 -27.37 19.16 -20.49
C ASP D 188 -25.88 19.31 -20.23
N LEU D 189 -25.40 18.68 -19.17
CA LEU D 189 -24.06 18.94 -18.64
C LEU D 189 -22.99 17.97 -19.15
N PHE D 190 -21.72 18.38 -18.99
CA PHE D 190 -20.60 17.46 -19.12
C PHE D 190 -20.59 16.55 -17.89
N ASP D 191 -19.98 15.38 -18.02
CA ASP D 191 -19.93 14.42 -16.92
C ASP D 191 -18.80 14.72 -15.95
N SER D 192 -17.73 15.33 -16.47
CA SER D 192 -16.62 15.77 -15.63
C SER D 192 -15.78 16.84 -16.33
N VAL D 193 -14.77 17.34 -15.63
CA VAL D 193 -13.85 18.30 -16.21
C VAL D 193 -12.41 17.84 -15.99
N THR D 194 -11.50 18.32 -16.83
CA THR D 194 -10.10 17.91 -16.74
C THR D 194 -9.19 19.12 -16.83
N ASN D 195 -7.89 18.91 -16.67
CA ASN D 195 -6.93 20.00 -16.75
C ASN D 195 -6.55 20.28 -18.19
N ASN D 196 -6.61 19.24 -19.02
CA ASN D 196 -6.23 19.35 -20.41
C ASN D 196 -6.85 18.22 -21.22
N THR D 197 -7.81 18.56 -22.07
CA THR D 197 -8.56 17.55 -22.81
C THR D 197 -7.68 16.70 -23.72
N ARG D 198 -6.70 17.33 -24.35
CA ARG D 198 -5.80 16.61 -25.24
C ARG D 198 -4.89 15.65 -24.47
N SER D 199 -4.51 16.03 -23.25
CA SER D 199 -3.62 15.19 -22.44
C SER D 199 -3.98 15.25 -20.95
N PRO D 200 -5.06 14.55 -20.57
CA PRO D 200 -5.64 14.62 -19.22
C PRO D 200 -4.75 13.98 -18.17
N LYS D 201 -4.37 14.74 -17.15
CA LYS D 201 -3.61 14.18 -16.01
C LYS D 201 -4.46 14.16 -14.75
N LEU D 202 -5.59 14.86 -14.76
CA LEU D 202 -6.53 14.81 -13.64
C LEU D 202 -8.00 15.04 -14.05
N PHE D 203 -8.93 14.44 -13.31
CA PHE D 203 -10.35 14.65 -13.52
C PHE D 203 -11.07 15.10 -12.25
N VAL D 204 -12.13 15.87 -12.42
CA VAL D 204 -12.90 16.39 -11.29
C VAL D 204 -14.35 15.99 -11.47
N VAL D 205 -14.94 15.39 -10.44
CA VAL D 205 -16.36 15.08 -10.50
C VAL D 205 -17.12 15.85 -9.43
N PHE D 206 -18.31 16.32 -9.77
CA PHE D 206 -19.07 17.21 -8.89
C PHE D 206 -20.32 16.56 -8.31
N PHE D 207 -20.45 15.25 -8.49
CA PHE D 207 -21.62 14.54 -7.97
C PHE D 207 -21.23 13.32 -7.16
N ASP D 208 -22.11 12.92 -6.24
CA ASP D 208 -21.79 12.02 -5.13
C ASP D 208 -21.39 10.59 -5.50
N ASN D 209 -22.02 10.03 -6.52
CA ASN D 209 -21.80 8.63 -6.79
C ASN D 209 -21.17 8.40 -8.15
N GLN D 210 -20.32 9.33 -8.56
CA GLN D 210 -19.59 9.20 -9.81
C GLN D 210 -18.26 8.49 -9.61
N ALA D 211 -17.89 8.23 -8.36
CA ALA D 211 -16.66 7.53 -8.06
C ALA D 211 -16.90 6.40 -7.05
N TYR D 212 -16.31 5.25 -7.32
CA TYR D 212 -16.28 4.15 -6.36
C TYR D 212 -14.85 3.86 -5.96
N PRO D 213 -14.54 3.97 -4.66
CA PRO D 213 -13.21 3.65 -4.12
C PRO D 213 -13.04 2.14 -4.12
N GLU D 214 -12.23 1.61 -5.03
CA GLU D 214 -12.18 0.15 -5.22
C GLU D 214 -11.02 -0.51 -4.46
N TYR D 215 -9.91 0.21 -4.35
CA TYR D 215 -8.75 -0.28 -3.61
C TYR D 215 -8.15 0.80 -2.76
N LEU D 216 -7.59 0.40 -1.61
CA LEU D 216 -6.83 1.32 -0.77
C LEU D 216 -5.38 0.86 -0.75
N ILE D 217 -4.50 1.71 -1.28
CA ILE D 217 -3.07 1.43 -1.27
C ILE D 217 -2.37 2.10 -0.10
N THR D 218 -1.85 1.29 0.82
CA THR D 218 -0.99 1.79 1.88
C THR D 218 0.47 1.55 1.46
N PHE D 219 1.27 2.61 1.51
CA PHE D 219 2.65 2.54 1.05
C PHE D 219 3.54 3.47 1.84
N THR D 220 4.86 3.31 1.69
CA THR D 220 5.83 4.06 2.46
C THR D 220 7.00 4.49 1.59
N ALA D 221 7.87 5.32 2.14
CA ALA D 221 9.09 5.72 1.46
C ALA D 221 10.16 4.62 1.50
#